data_8KAO
#
_entry.id   8KAO
#
_cell.length_a   99.782
_cell.length_b   153.599
_cell.length_c   110.550
_cell.angle_alpha   90.00
_cell.angle_beta   115.58
_cell.angle_gamma   90.00
#
_symmetry.space_group_name_H-M   'C 1 2 1'
#
loop_
_entity.id
_entity.type
_entity.pdbx_description
1 polymer 'Glutamate dehydrogenase'
2 non-polymer NICOTINAMIDE-ADENINE-DINUCLEOTIDE
3 non-polymer '2-oxopentanoic acid'
4 water water
#
_entity_poly.entity_id   1
_entity_poly.type   'polypeptide(L)'
_entity_poly.pdbx_seq_one_letter_code
;MEELLTSNLLVQQVKKLYKVGELLGLDSETIDVLSQPERVMQVKIQIRSSDGKLRTFIGWRSQHNSALGPYKGGVRYGPN
VTQDEVIALSMIMTWKNSLLLLPYGGGKGGIRVDPKKLTLKELEDLSRKYVQLIHKYLGSDVDIPAPDINTNPQTMAWFL
DEYIKITGKVDFAVFTGKPSELGGIGVRLYSTGLGVATIARDAANKFIGGIEGSRVIIQGFGNVGFFTAKFLSEMGAKII
GVSDIGGGVINENGIDVNRALEVVQSTGSVVNYLEGKKVTNEELLISDCDILIPAAVENVINKFNAPKVRAKLIVEGANG
PLTADADEIMKQRGVIVIPDILANAGGVVGSYVEWANNRSGGIISDEEAKKLIVDRMINAFNTLYDFHKRKFADQDLRTV
AMALAVDRVVGAMKARGLL
;
_entity_poly.pdbx_strand_id   A,B,C
#
loop_
_chem_comp.id
_chem_comp.type
_chem_comp.name
_chem_comp.formula
69O non-polymer '2-oxopentanoic acid' 'C5 H8 O3'
NAD non-polymer NICOTINAMIDE-ADENINE-DINUCLEOTIDE 'C21 H27 N7 O14 P2'
#
# COMPACT_ATOMS: atom_id res chain seq x y z
N ASN A 8 35.54 13.21 18.07
CA ASN A 8 36.12 12.49 19.25
C ASN A 8 35.98 11.00 19.02
N LEU A 9 34.73 10.51 18.93
CA LEU A 9 34.43 9.09 18.73
C LEU A 9 35.03 8.60 17.41
N LEU A 10 35.01 9.46 16.37
CA LEU A 10 35.61 9.11 15.08
C LEU A 10 37.09 8.81 15.30
N VAL A 11 37.77 9.75 15.98
CA VAL A 11 39.21 9.68 16.21
C VAL A 11 39.54 8.37 16.93
N GLN A 12 38.81 7.98 17.97
CA GLN A 12 39.21 6.78 18.68
C GLN A 12 39.01 5.55 17.80
N GLN A 13 37.95 5.53 16.98
CA GLN A 13 37.61 4.35 16.18
C GLN A 13 38.62 4.17 15.03
N VAL A 14 39.04 5.28 14.42
CA VAL A 14 40.16 5.28 13.47
C VAL A 14 41.42 4.71 14.16
N LYS A 15 41.81 5.28 15.32
CA LYS A 15 42.99 4.85 16.08
C LYS A 15 42.91 3.35 16.36
N LYS A 16 41.71 2.87 16.71
CA LYS A 16 41.50 1.49 17.10
C LYS A 16 41.73 0.59 15.88
N LEU A 17 41.31 1.09 14.72
CA LEU A 17 41.33 0.34 13.48
C LEU A 17 42.76 0.21 12.96
N TYR A 18 43.51 1.33 12.97
CA TYR A 18 44.93 1.29 12.63
C TYR A 18 45.65 0.37 13.62
N LYS A 19 45.29 0.43 14.90
CA LYS A 19 45.88 -0.45 15.91
C LYS A 19 45.74 -1.91 15.48
N VAL A 20 44.49 -2.32 15.22
CA VAL A 20 44.15 -3.71 14.92
C VAL A 20 44.68 -4.12 13.54
N GLY A 21 44.66 -3.17 12.61
CA GLY A 21 45.11 -3.40 11.25
C GLY A 21 46.60 -3.71 11.20
N GLU A 22 47.39 -2.87 11.90
CA GLU A 22 48.81 -3.10 12.14
C GLU A 22 48.99 -4.47 12.78
N LEU A 23 48.13 -4.78 13.74
CA LEU A 23 48.21 -6.06 14.42
C LEU A 23 47.91 -7.22 13.45
N LEU A 24 47.02 -7.02 12.48
CA LEU A 24 46.80 -8.04 11.47
C LEU A 24 47.88 -7.96 10.40
N GLY A 25 48.79 -6.99 10.52
CA GLY A 25 49.89 -6.88 9.58
C GLY A 25 49.38 -6.49 8.21
N LEU A 26 48.61 -5.40 8.16
CA LEU A 26 48.02 -4.90 6.93
C LEU A 26 48.72 -3.60 6.54
N ASP A 27 48.92 -3.43 5.23
CA ASP A 27 49.44 -2.20 4.66
C ASP A 27 48.61 -1.07 5.23
N SER A 28 49.17 0.13 5.28
CA SER A 28 48.39 1.29 5.71
C SER A 28 47.36 1.67 4.64
N GLU A 29 47.59 1.30 3.36
CA GLU A 29 46.72 1.70 2.27
C GLU A 29 45.44 0.87 2.26
N THR A 30 45.56 -0.42 2.63
CA THR A 30 44.43 -1.27 2.94
C THR A 30 43.64 -0.69 4.10
N ILE A 31 44.31 -0.33 5.21
CA ILE A 31 43.60 0.15 6.39
C ILE A 31 42.88 1.46 6.08
N ASP A 32 43.45 2.29 5.19
CA ASP A 32 42.86 3.56 4.80
C ASP A 32 41.57 3.33 4.04
N VAL A 33 41.53 2.22 3.30
CA VAL A 33 40.33 1.80 2.61
C VAL A 33 39.25 1.48 3.65
N LEU A 34 39.56 0.55 4.56
CA LEU A 34 38.62 0.11 5.57
C LEU A 34 38.06 1.27 6.39
N SER A 35 38.83 2.36 6.50
CA SER A 35 38.58 3.41 7.49
C SER A 35 37.58 4.42 6.97
N GLN A 36 37.67 4.70 5.67
CA GLN A 36 36.81 5.68 5.07
C GLN A 36 35.47 5.01 4.71
N PRO A 37 34.32 5.68 4.96
CA PRO A 37 33.02 5.14 4.56
C PRO A 37 32.86 5.10 3.05
N GLU A 38 32.28 4.01 2.54
CA GLU A 38 32.03 3.83 1.10
C GLU A 38 31.20 5.00 0.59
N ARG A 39 30.14 5.33 1.32
CA ARG A 39 29.28 6.44 0.97
C ARG A 39 28.75 7.11 2.22
N VAL A 40 28.63 8.45 2.14
CA VAL A 40 27.94 9.20 3.18
C VAL A 40 27.01 10.22 2.52
N MET A 41 25.76 10.28 3.01
CA MET A 41 24.87 11.35 2.58
C MET A 41 24.49 12.20 3.79
N GLN A 42 24.30 13.48 3.48
CA GLN A 42 23.81 14.49 4.39
C GLN A 42 22.69 15.22 3.65
N VAL A 43 21.57 15.44 4.36
CA VAL A 43 20.37 16.01 3.77
C VAL A 43 19.84 17.10 4.69
N LYS A 44 19.08 18.05 4.11
CA LYS A 44 18.45 19.13 4.86
C LYS A 44 16.93 18.93 4.87
N ILE A 45 16.32 19.13 6.04
CA ILE A 45 14.95 18.74 6.31
C ILE A 45 14.20 19.94 6.87
N GLN A 46 13.35 20.63 6.09
CA GLN A 46 12.63 21.78 6.60
C GLN A 46 11.30 21.31 7.21
N ILE A 47 11.01 21.85 8.40
CA ILE A 47 9.88 21.47 9.22
C ILE A 47 9.10 22.75 9.47
N ARG A 48 7.77 22.63 9.56
CA ARG A 48 6.91 23.75 9.90
C ARG A 48 6.16 23.39 11.18
N SER A 49 6.36 24.19 12.24
CA SER A 49 5.63 24.01 13.48
C SER A 49 4.24 24.64 13.36
N SER A 50 3.44 24.50 14.42
CA SER A 50 2.05 24.94 14.40
C SER A 50 1.95 26.45 14.17
N ASP A 51 2.91 27.21 14.71
CA ASP A 51 2.91 28.66 14.64
C ASP A 51 3.20 29.17 13.22
N GLY A 52 3.79 28.32 12.37
CA GLY A 52 4.17 28.71 11.02
C GLY A 52 5.67 28.93 10.92
N LYS A 53 6.37 28.69 12.03
CA LYS A 53 7.82 28.83 12.10
C LYS A 53 8.48 27.71 11.29
N LEU A 54 9.46 28.09 10.46
CA LEU A 54 10.27 27.16 9.69
C LEU A 54 11.55 26.88 10.48
N ARG A 55 11.82 25.60 10.76
CA ARG A 55 13.14 25.17 11.21
C ARG A 55 13.74 24.26 10.14
N THR A 56 15.07 24.15 10.13
CA THR A 56 15.73 23.28 9.18
C THR A 56 16.83 22.48 9.90
N PHE A 57 16.79 21.16 9.70
CA PHE A 57 17.69 20.25 10.38
C PHE A 57 18.50 19.48 9.36
N ILE A 58 19.69 19.05 9.78
CA ILE A 58 20.59 18.29 8.96
C ILE A 58 20.65 16.87 9.51
N GLY A 59 20.62 15.88 8.60
CA GLY A 59 20.79 14.49 8.98
C GLY A 59 21.77 13.79 8.04
N TRP A 60 22.32 12.69 8.53
CA TRP A 60 23.41 11.98 7.89
C TRP A 60 22.99 10.51 7.74
N ARG A 61 23.33 9.90 6.59
CA ARG A 61 23.36 8.44 6.54
C ARG A 61 24.74 8.06 6.04
N SER A 62 25.52 7.44 6.95
CA SER A 62 26.84 6.94 6.64
C SER A 62 26.71 5.44 6.45
N GLN A 63 27.03 5.03 5.23
CA GLN A 63 27.09 3.65 4.80
C GLN A 63 28.58 3.30 4.74
N HIS A 64 29.09 2.58 5.76
CA HIS A 64 30.53 2.46 5.96
C HIS A 64 31.16 1.42 5.04
N ASN A 65 30.65 0.19 5.14
CA ASN A 65 31.23 -0.93 4.43
C ASN A 65 30.10 -1.90 4.05
N SER A 66 30.22 -2.52 2.85
CA SER A 66 29.20 -3.38 2.26
C SER A 66 29.83 -4.64 1.69
N ALA A 67 30.96 -5.05 2.27
CA ALA A 67 31.72 -6.19 1.80
C ALA A 67 30.93 -7.48 2.05
N LEU A 68 30.37 -7.58 3.27
CA LEU A 68 29.77 -8.80 3.78
C LEU A 68 28.27 -8.89 3.52
N GLY A 69 27.70 -7.84 2.96
CA GLY A 69 26.25 -7.70 2.88
C GLY A 69 25.82 -6.23 2.87
N PRO A 70 24.50 -5.94 2.89
CA PRO A 70 24.04 -4.56 2.85
C PRO A 70 24.28 -3.82 4.16
N TYR A 71 24.36 -2.49 4.07
CA TYR A 71 24.53 -1.66 5.25
C TYR A 71 23.35 -1.90 6.20
N LYS A 72 23.64 -1.86 7.49
CA LYS A 72 22.66 -2.15 8.55
C LYS A 72 23.01 -1.33 9.79
N GLY A 73 22.08 -0.51 10.28
CA GLY A 73 22.32 0.20 11.52
C GLY A 73 21.33 1.34 11.77
N GLY A 74 21.29 1.74 13.05
CA GLY A 74 20.24 2.59 13.57
C GLY A 74 20.39 4.06 13.19
N VAL A 75 19.45 4.88 13.68
CA VAL A 75 19.32 6.29 13.39
C VAL A 75 19.10 6.99 14.72
N ARG A 76 19.89 8.02 15.03
CA ARG A 76 19.73 8.65 16.32
C ARG A 76 19.39 10.13 16.16
N TYR A 77 18.46 10.57 17.00
CA TYR A 77 18.15 11.99 17.14
C TYR A 77 18.89 12.45 18.38
N GLY A 78 19.47 13.65 18.29
CA GLY A 78 20.32 14.22 19.31
C GLY A 78 20.80 15.61 18.89
N PRO A 79 20.90 16.59 19.81
CA PRO A 79 21.31 17.95 19.44
C PRO A 79 22.82 18.11 19.18
N ASN A 80 23.61 17.11 19.61
CA ASN A 80 25.04 17.12 19.39
C ASN A 80 25.48 16.09 18.36
N VAL A 81 24.56 15.50 17.58
CA VAL A 81 25.01 14.48 16.66
C VAL A 81 25.67 15.18 15.48
N THR A 82 26.54 14.44 14.80
CA THR A 82 27.49 15.04 13.90
C THR A 82 27.85 14.03 12.81
N GLN A 83 28.23 14.55 11.64
CA GLN A 83 28.62 13.71 10.50
C GLN A 83 29.64 12.68 10.94
N ASP A 84 30.66 13.13 11.71
CA ASP A 84 31.78 12.26 12.07
C ASP A 84 31.34 11.21 13.09
N GLU A 85 30.33 11.54 13.92
CA GLU A 85 29.83 10.61 14.91
C GLU A 85 29.06 9.50 14.21
N VAL A 86 28.23 9.91 13.24
CA VAL A 86 27.46 8.98 12.45
C VAL A 86 28.42 8.00 11.77
N ILE A 87 29.52 8.53 11.23
CA ILE A 87 30.49 7.73 10.50
C ILE A 87 31.17 6.76 11.45
N ALA A 88 31.49 7.26 12.63
CA ALA A 88 32.18 6.47 13.64
C ALA A 88 31.27 5.32 14.03
N LEU A 89 29.98 5.63 14.15
CA LEU A 89 28.97 4.64 14.55
C LEU A 89 28.75 3.62 13.43
N SER A 90 28.86 4.07 12.15
CA SER A 90 28.86 3.16 11.00
C SER A 90 29.93 2.10 11.21
N MET A 91 31.13 2.60 11.58
CA MET A 91 32.32 1.79 11.68
C MET A 91 32.09 0.65 12.67
N ILE A 92 31.66 0.99 13.89
CA ILE A 92 31.56 -0.01 14.94
C ILE A 92 30.52 -1.06 14.50
N MET A 93 29.52 -0.61 13.73
CA MET A 93 28.46 -1.47 13.19
C MET A 93 29.04 -2.48 12.18
N THR A 94 29.92 -2.00 11.30
CA THR A 94 30.62 -2.88 10.37
C THR A 94 31.26 -4.03 11.13
N TRP A 95 32.03 -3.71 12.18
CA TRP A 95 32.80 -4.69 12.92
C TRP A 95 31.89 -5.64 13.70
N LYS A 96 30.80 -5.13 14.29
CA LYS A 96 29.95 -5.95 15.16
C LYS A 96 29.20 -6.99 14.31
N ASN A 97 28.74 -6.54 13.13
CA ASN A 97 28.03 -7.37 12.16
C ASN A 97 28.98 -8.44 11.60
N SER A 98 30.23 -8.04 11.34
CA SER A 98 31.23 -8.98 10.87
C SER A 98 31.52 -10.01 11.96
N LEU A 99 31.73 -9.53 13.19
CA LEU A 99 32.06 -10.44 14.29
C LEU A 99 30.95 -11.49 14.49
N LEU A 100 29.69 -11.08 14.34
CA LEU A 100 28.58 -11.99 14.62
C LEU A 100 28.15 -12.73 13.38
N LEU A 101 28.90 -12.59 12.28
CA LEU A 101 28.77 -13.46 11.12
C LEU A 101 27.46 -13.13 10.45
N LEU A 102 27.19 -11.83 10.38
CA LEU A 102 25.94 -11.35 9.80
C LEU A 102 26.20 -10.99 8.35
N PRO A 103 25.23 -11.28 7.45
CA PRO A 103 25.35 -10.95 6.04
C PRO A 103 25.05 -9.46 5.87
N TYR A 104 25.70 -8.64 6.71
CA TYR A 104 25.48 -7.21 6.74
C TYR A 104 26.81 -6.44 6.77
N GLY A 105 26.85 -5.30 6.08
CA GLY A 105 27.84 -4.26 6.28
C GLY A 105 27.40 -3.31 7.40
N GLY A 106 28.18 -2.24 7.61
CA GLY A 106 27.87 -1.28 8.66
C GLY A 106 27.30 0.00 8.07
N GLY A 107 26.19 0.47 8.67
CA GLY A 107 25.60 1.76 8.36
C GLY A 107 25.05 2.39 9.64
N LYS A 108 24.87 3.72 9.61
CA LYS A 108 24.18 4.42 10.69
C LYS A 108 23.77 5.79 10.18
N GLY A 109 22.73 6.34 10.81
CA GLY A 109 22.31 7.71 10.59
C GLY A 109 22.11 8.48 11.90
N GLY A 110 21.95 9.79 11.76
CA GLY A 110 21.68 10.66 12.89
C GLY A 110 21.08 11.96 12.38
N ILE A 111 20.28 12.61 13.20
CA ILE A 111 19.78 13.92 12.83
C ILE A 111 20.12 14.87 13.97
N ARG A 112 20.59 16.06 13.66
CA ARG A 112 20.94 17.05 14.66
C ARG A 112 19.74 17.79 15.04
N VAL A 113 19.11 17.35 16.11
CA VAL A 113 17.91 17.98 16.58
C VAL A 113 17.61 17.57 17.97
N ASP A 114 16.97 18.46 18.71
CA ASP A 114 16.47 18.06 20.02
C ASP A 114 15.02 17.60 19.85
N PRO A 115 14.70 16.30 20.08
CA PRO A 115 13.32 15.81 20.00
C PRO A 115 12.33 16.45 20.98
N LYS A 116 12.76 16.75 22.21
CA LYS A 116 11.84 17.22 23.22
C LYS A 116 11.32 18.60 22.83
N LYS A 117 12.08 19.30 21.98
CA LYS A 117 11.70 20.60 21.45
C LYS A 117 10.89 20.49 20.15
N LEU A 118 10.59 19.24 19.71
CA LEU A 118 9.66 19.03 18.61
C LEU A 118 8.40 18.38 19.16
N THR A 119 7.25 18.68 18.52
CA THR A 119 6.03 17.94 18.77
C THR A 119 6.05 16.61 18.02
N LEU A 120 5.09 15.73 18.36
CA LEU A 120 4.98 14.41 17.77
C LEU A 120 4.70 14.54 16.27
N LYS A 121 3.89 15.53 15.90
CA LYS A 121 3.63 15.75 14.49
C LYS A 121 4.92 16.12 13.78
N GLU A 122 5.73 16.98 14.40
CA GLU A 122 6.96 17.47 13.79
C GLU A 122 8.01 16.37 13.68
N LEU A 123 8.09 15.48 14.69
CA LEU A 123 9.04 14.38 14.66
C LEU A 123 8.69 13.39 13.55
N GLU A 124 7.38 13.21 13.33
CA GLU A 124 6.90 12.37 12.27
C GLU A 124 7.30 12.95 10.92
N ASP A 125 6.99 14.24 10.72
CA ASP A 125 7.37 14.92 9.51
C ASP A 125 8.88 14.78 9.34
N LEU A 126 9.63 14.88 10.44
CA LEU A 126 11.08 14.88 10.36
C LEU A 126 11.55 13.52 9.88
N SER A 127 11.02 12.48 10.55
CA SER A 127 11.36 11.10 10.27
C SER A 127 11.06 10.71 8.83
N ARG A 128 9.98 11.26 8.25
CA ARG A 128 9.56 10.90 6.90
C ARG A 128 10.44 11.56 5.84
N LYS A 129 10.74 12.85 6.03
CA LYS A 129 11.48 13.58 5.02
C LYS A 129 12.93 13.07 4.99
N TYR A 130 13.39 12.51 6.10
CA TYR A 130 14.72 11.95 6.17
C TYR A 130 14.79 10.74 5.23
N VAL A 131 13.89 9.77 5.44
CA VAL A 131 13.82 8.57 4.62
C VAL A 131 13.63 8.94 3.14
N GLN A 132 12.77 9.91 2.87
CA GLN A 132 12.44 10.29 1.49
C GLN A 132 13.68 10.85 0.79
N LEU A 133 14.54 11.52 1.56
CA LEU A 133 15.66 12.22 0.99
C LEU A 133 16.84 11.27 0.72
N ILE A 134 16.82 10.06 1.28
CA ILE A 134 17.89 9.09 1.05
C ILE A 134 17.38 7.76 0.45
N HIS A 135 16.08 7.64 0.14
CA HIS A 135 15.50 6.31 -0.05
C HIS A 135 16.21 5.56 -1.16
N LYS A 136 16.76 6.28 -2.17
CA LYS A 136 17.33 5.61 -3.32
C LYS A 136 18.57 4.81 -2.95
N TYR A 137 19.13 5.01 -1.74
CA TYR A 137 20.20 4.14 -1.24
C TYR A 137 19.76 3.45 0.04
N LEU A 138 18.44 3.25 0.16
CA LEU A 138 17.85 2.38 1.17
C LEU A 138 17.21 1.17 0.48
N GLY A 139 16.91 0.14 1.27
CA GLY A 139 16.20 -1.04 0.78
C GLY A 139 16.63 -2.28 1.55
N SER A 140 15.75 -3.29 1.57
CA SER A 140 15.94 -4.51 2.34
C SER A 140 17.18 -5.27 1.85
N ASP A 141 17.76 -4.82 0.73
CA ASP A 141 18.90 -5.47 0.13
C ASP A 141 20.02 -4.46 -0.11
N VAL A 142 19.93 -3.25 0.49
CA VAL A 142 20.94 -2.23 0.25
C VAL A 142 21.34 -1.55 1.56
N ASP A 143 20.38 -0.93 2.29
CA ASP A 143 20.67 -0.35 3.59
C ASP A 143 19.42 -0.36 4.49
N ILE A 144 19.49 -1.12 5.59
CA ILE A 144 18.34 -1.36 6.44
C ILE A 144 18.46 -0.54 7.74
N PRO A 145 17.84 0.67 7.84
CA PRO A 145 17.88 1.44 9.09
C PRO A 145 17.26 0.75 10.30
N ALA A 146 17.29 1.43 11.45
CA ALA A 146 16.75 0.88 12.68
C ALA A 146 16.69 1.96 13.75
N PRO A 147 16.21 1.59 14.91
CA PRO A 147 16.21 2.65 15.88
C PRO A 147 17.50 2.66 16.67
N ASP A 148 17.92 3.82 17.12
CA ASP A 148 19.07 3.85 18.02
C ASP A 148 18.72 4.61 19.28
N ILE A 149 19.02 5.89 19.34
CA ILE A 149 18.79 6.69 20.53
C ILE A 149 17.84 7.77 20.19
N ASN A 150 16.86 7.95 21.04
CA ASN A 150 15.80 8.92 20.76
C ASN A 150 15.02 8.53 19.50
N THR A 151 15.12 7.26 19.10
CA THR A 151 14.25 6.74 18.05
C THR A 151 13.73 5.42 18.59
N ASN A 152 12.59 5.02 18.04
CA ASN A 152 11.86 3.92 18.63
C ASN A 152 11.07 3.26 17.51
N PRO A 153 10.37 2.14 17.80
CA PRO A 153 9.40 1.55 16.87
C PRO A 153 8.45 2.52 16.17
N GLN A 154 8.05 3.57 16.87
CA GLN A 154 7.12 4.53 16.29
C GLN A 154 7.80 5.26 15.14
N THR A 155 9.12 5.45 15.26
CA THR A 155 9.88 6.13 14.23
C THR A 155 10.01 5.17 13.05
N MET A 156 10.28 3.91 13.37
CA MET A 156 10.43 2.91 12.32
C MET A 156 9.15 2.85 11.49
N ALA A 157 7.99 3.13 12.12
CA ALA A 157 6.69 3.08 11.46
C ALA A 157 6.50 4.25 10.48
N TRP A 158 6.79 5.46 10.97
CA TRP A 158 6.78 6.62 10.12
C TRP A 158 7.70 6.39 8.94
N PHE A 159 8.88 5.86 9.23
CA PHE A 159 9.86 5.50 8.22
C PHE A 159 9.21 4.55 7.22
N LEU A 160 8.63 3.46 7.74
CA LEU A 160 8.09 2.40 6.91
C LEU A 160 6.98 2.92 6.01
N ASP A 161 5.99 3.57 6.63
CA ASP A 161 4.86 4.15 5.93
C ASP A 161 5.34 5.06 4.80
N GLU A 162 6.28 5.96 5.12
CA GLU A 162 6.78 6.88 4.10
C GLU A 162 7.43 6.11 2.95
N TYR A 163 8.11 5.00 3.26
CA TYR A 163 8.82 4.24 2.25
C TYR A 163 7.79 3.54 1.35
N ILE A 164 6.71 3.06 1.98
CA ILE A 164 5.62 2.39 1.27
C ILE A 164 4.96 3.40 0.34
N LYS A 165 4.93 4.66 0.75
CA LYS A 165 4.30 5.69 -0.03
C LYS A 165 5.05 5.89 -1.34
N ILE A 166 6.39 5.82 -1.24
CA ILE A 166 7.28 6.23 -2.31
C ILE A 166 7.53 5.08 -3.28
N THR A 167 7.67 3.87 -2.74
CA THR A 167 8.01 2.71 -3.53
C THR A 167 6.76 1.99 -4.03
N GLY A 168 5.68 2.02 -3.23
CA GLY A 168 4.42 1.37 -3.56
C GLY A 168 4.36 -0.04 -2.99
N LYS A 169 5.35 -0.39 -2.19
CA LYS A 169 5.73 -1.76 -1.97
C LYS A 169 5.78 -1.97 -0.45
N VAL A 170 4.97 -2.89 0.08
CA VAL A 170 4.98 -3.14 1.52
C VAL A 170 6.10 -4.12 1.86
N ASP A 171 7.31 -3.58 1.89
CA ASP A 171 8.53 -4.35 2.15
C ASP A 171 8.89 -4.19 3.62
N PHE A 172 8.37 -5.09 4.47
CA PHE A 172 8.63 -4.97 5.89
C PHE A 172 10.13 -4.93 6.17
N ALA A 173 10.95 -5.60 5.34
CA ALA A 173 12.34 -5.86 5.70
C ALA A 173 13.23 -4.61 5.55
N VAL A 174 12.71 -3.46 5.09
CA VAL A 174 13.60 -2.33 4.85
C VAL A 174 14.04 -1.67 6.16
N PHE A 175 13.35 -1.95 7.24
CA PHE A 175 13.62 -1.31 8.49
C PHE A 175 13.49 -2.32 9.56
N THR A 176 14.25 -2.13 10.62
CA THR A 176 14.20 -3.03 11.73
C THR A 176 13.71 -2.32 12.99
N GLY A 177 13.45 -3.07 14.04
CA GLY A 177 12.87 -2.51 15.24
C GLY A 177 11.45 -2.03 15.03
N LYS A 178 10.65 -2.80 14.29
CA LYS A 178 9.32 -2.35 13.95
C LYS A 178 8.36 -2.85 15.02
N PRO A 179 7.21 -2.16 15.22
CA PRO A 179 6.10 -2.69 16.02
C PRO A 179 5.81 -4.10 15.54
N SER A 180 5.28 -4.94 16.44
CA SER A 180 5.04 -6.35 16.14
C SER A 180 3.89 -6.54 15.16
N GLU A 181 3.01 -5.55 15.08
CA GLU A 181 1.85 -5.64 14.21
C GLU A 181 2.16 -5.00 12.87
N LEU A 182 3.42 -4.55 12.71
CA LEU A 182 3.90 -4.02 11.45
C LEU A 182 5.21 -4.71 11.08
N GLY A 183 5.22 -6.04 11.10
CA GLY A 183 6.36 -6.80 10.64
C GLY A 183 7.40 -7.02 11.73
N GLY A 184 7.15 -6.49 12.94
CA GLY A 184 8.11 -6.60 14.03
C GLY A 184 8.35 -8.05 14.48
N ILE A 185 9.33 -8.22 15.38
CA ILE A 185 9.68 -9.50 15.98
C ILE A 185 9.37 -9.36 17.47
N GLY A 186 8.85 -10.41 18.13
CA GLY A 186 8.42 -10.32 19.52
C GLY A 186 9.58 -10.22 20.51
N VAL A 187 10.72 -10.79 20.12
CA VAL A 187 11.91 -10.85 20.95
C VAL A 187 12.73 -9.56 20.88
N ARG A 188 12.23 -8.54 20.17
CA ARG A 188 13.00 -7.32 19.98
C ARG A 188 13.25 -6.66 21.32
N LEU A 189 12.23 -6.73 22.19
CA LEU A 189 12.29 -6.05 23.47
C LEU A 189 13.40 -6.59 24.35
N TYR A 190 13.72 -7.88 24.22
CA TYR A 190 14.61 -8.51 25.18
C TYR A 190 15.78 -9.20 24.49
N SER A 191 16.03 -8.91 23.20
CA SER A 191 17.13 -9.54 22.50
C SER A 191 18.47 -9.14 23.13
N THR A 192 18.67 -7.83 23.33
CA THR A 192 19.90 -7.37 23.92
C THR A 192 20.14 -8.11 25.23
N GLY A 193 19.14 -8.05 26.13
CA GLY A 193 19.27 -8.59 27.49
C GLY A 193 19.51 -10.10 27.51
N LEU A 194 18.81 -10.81 26.63
CA LEU A 194 19.01 -12.24 26.41
C LEU A 194 20.41 -12.49 25.86
N GLY A 195 20.89 -11.60 24.96
CA GLY A 195 22.26 -11.64 24.45
C GLY A 195 23.28 -11.53 25.58
N VAL A 196 23.12 -10.52 26.46
CA VAL A 196 24.06 -10.32 27.54
C VAL A 196 24.05 -11.52 28.49
N ALA A 197 22.86 -11.94 28.97
CA ALA A 197 22.74 -13.07 29.87
C ALA A 197 23.42 -14.31 29.30
N THR A 198 23.16 -14.56 28.02
CA THR A 198 23.73 -15.67 27.28
C THR A 198 25.24 -15.71 27.45
N ILE A 199 25.90 -14.57 27.16
CA ILE A 199 27.35 -14.49 27.14
C ILE A 199 27.91 -14.35 28.56
N ALA A 200 27.18 -13.68 29.45
CA ALA A 200 27.55 -13.73 30.86
C ALA A 200 27.65 -15.17 31.34
N ARG A 201 26.83 -16.07 30.80
CA ARG A 201 26.82 -17.44 31.27
C ARG A 201 28.03 -18.23 30.75
N ASP A 202 28.16 -18.39 29.42
CA ASP A 202 29.25 -19.20 28.89
C ASP A 202 30.58 -18.59 29.35
N ALA A 203 30.65 -17.24 29.38
CA ALA A 203 31.80 -16.57 29.98
C ALA A 203 32.08 -17.16 31.36
N ALA A 204 31.06 -17.22 32.23
CA ALA A 204 31.26 -17.76 33.57
C ALA A 204 31.69 -19.24 33.51
N ASN A 205 31.23 -19.97 32.49
CA ASN A 205 31.54 -21.39 32.39
C ASN A 205 32.99 -21.57 31.93
N LYS A 206 33.50 -20.61 31.15
CA LYS A 206 34.82 -20.75 30.57
C LYS A 206 35.88 -20.19 31.52
N PHE A 207 35.48 -19.36 32.49
CA PHE A 207 36.47 -18.53 33.17
C PHE A 207 36.37 -18.63 34.69
N ILE A 208 35.15 -18.70 35.26
CA ILE A 208 34.99 -18.68 36.71
C ILE A 208 34.16 -19.86 37.21
N GLY A 209 34.04 -20.93 36.41
CA GLY A 209 33.52 -22.20 36.90
C GLY A 209 32.00 -22.29 37.03
N GLY A 210 31.26 -21.42 36.32
CA GLY A 210 29.82 -21.55 36.19
C GLY A 210 29.06 -20.32 36.68
N ILE A 211 27.85 -20.11 36.12
CA ILE A 211 27.01 -18.96 36.43
C ILE A 211 26.10 -19.29 37.61
N GLU A 212 25.96 -20.59 37.90
CA GLU A 212 25.08 -21.04 38.97
C GLU A 212 25.62 -20.58 40.32
N GLY A 213 24.95 -19.60 40.92
CA GLY A 213 25.32 -19.11 42.24
C GLY A 213 26.22 -17.87 42.21
N SER A 214 26.85 -17.59 41.06
CA SER A 214 27.77 -16.48 40.96
C SER A 214 27.01 -15.17 41.19
N ARG A 215 27.72 -14.20 41.77
CA ARG A 215 27.13 -13.00 42.29
C ARG A 215 27.22 -11.89 41.25
N VAL A 216 26.07 -11.46 40.73
CA VAL A 216 26.07 -10.53 39.61
C VAL A 216 25.64 -9.15 40.10
N ILE A 217 26.30 -8.14 39.56
CA ILE A 217 25.88 -6.76 39.73
C ILE A 217 25.70 -6.13 38.36
N ILE A 218 24.52 -5.55 38.16
CA ILE A 218 24.14 -4.95 36.89
C ILE A 218 23.90 -3.47 37.15
N GLN A 219 24.57 -2.61 36.37
CA GLN A 219 24.30 -1.19 36.45
C GLN A 219 23.34 -0.83 35.33
N GLY A 220 22.20 -0.23 35.71
CA GLY A 220 21.09 0.04 34.80
C GLY A 220 20.01 -1.03 34.93
N PHE A 221 18.75 -0.59 34.90
CA PHE A 221 17.61 -1.50 34.99
C PHE A 221 16.58 -1.11 33.94
N GLY A 222 17.06 -0.55 32.81
CA GLY A 222 16.21 -0.38 31.63
C GLY A 222 16.04 -1.72 30.91
N ASN A 223 15.93 -1.65 29.58
CA ASN A 223 15.65 -2.83 28.77
C ASN A 223 16.74 -3.87 28.95
N VAL A 224 17.99 -3.42 28.85
CA VAL A 224 19.15 -4.30 28.90
C VAL A 224 19.26 -4.87 30.31
N GLY A 225 19.30 -3.97 31.30
CA GLY A 225 19.56 -4.33 32.68
C GLY A 225 18.51 -5.29 33.25
N PHE A 226 17.23 -4.94 33.07
CA PHE A 226 16.15 -5.78 33.56
C PHE A 226 16.26 -7.18 32.95
N PHE A 227 16.31 -7.24 31.60
CA PHE A 227 16.22 -8.52 30.90
C PHE A 227 17.48 -9.32 31.17
N THR A 228 18.64 -8.65 31.22
CA THR A 228 19.88 -9.29 31.61
C THR A 228 19.68 -9.96 32.96
N ALA A 229 19.01 -9.26 33.88
CA ALA A 229 18.81 -9.73 35.25
C ALA A 229 17.75 -10.82 35.31
N LYS A 230 16.65 -10.62 34.56
CA LYS A 230 15.58 -11.59 34.53
C LYS A 230 16.19 -12.90 34.03
N PHE A 231 16.90 -12.84 32.90
CA PHE A 231 17.38 -14.06 32.24
C PHE A 231 18.48 -14.73 33.07
N LEU A 232 19.33 -13.93 33.73
CA LEU A 232 20.40 -14.47 34.55
C LEU A 232 19.81 -15.14 35.80
N SER A 233 18.79 -14.51 36.40
CA SER A 233 18.05 -15.10 37.51
C SER A 233 17.56 -16.50 37.13
N GLU A 234 16.79 -16.57 36.04
CA GLU A 234 16.32 -17.83 35.47
C GLU A 234 17.44 -18.86 35.32
N MET A 235 18.68 -18.43 35.03
CA MET A 235 19.80 -19.33 34.81
C MET A 235 20.52 -19.69 36.11
N GLY A 236 20.03 -19.22 37.27
CA GLY A 236 20.57 -19.65 38.54
C GLY A 236 21.57 -18.68 39.17
N ALA A 237 21.90 -17.59 38.45
CA ALA A 237 22.75 -16.53 38.97
C ALA A 237 22.07 -15.84 40.14
N LYS A 238 22.88 -15.23 41.02
CA LYS A 238 22.41 -14.51 42.19
C LYS A 238 22.63 -13.02 41.94
N ILE A 239 21.56 -12.29 41.58
CA ILE A 239 21.65 -10.87 41.20
C ILE A 239 21.77 -10.04 42.46
N ILE A 240 22.99 -9.86 42.97
CA ILE A 240 23.15 -9.25 44.28
C ILE A 240 23.11 -7.73 44.19
N GLY A 241 23.04 -7.19 42.97
CA GLY A 241 23.18 -5.75 42.83
C GLY A 241 22.50 -5.25 41.58
N VAL A 242 21.86 -4.08 41.70
CA VAL A 242 21.02 -3.51 40.68
C VAL A 242 20.96 -2.01 40.94
N SER A 243 20.92 -1.22 39.87
CA SER A 243 20.89 0.23 40.00
C SER A 243 20.17 0.83 38.79
N ASP A 244 19.95 2.14 38.86
CA ASP A 244 19.34 2.94 37.81
C ASP A 244 19.85 4.36 38.01
N ILE A 245 19.28 5.33 37.31
CA ILE A 245 19.73 6.71 37.44
C ILE A 245 19.41 7.23 38.85
N GLY A 246 18.42 6.61 39.51
CA GLY A 246 18.07 6.98 40.88
C GLY A 246 19.17 6.65 41.89
N GLY A 247 19.87 5.54 41.64
CA GLY A 247 20.73 4.88 42.62
C GLY A 247 20.51 3.37 42.57
N GLY A 248 21.10 2.63 43.52
CA GLY A 248 21.04 1.18 43.46
C GLY A 248 20.89 0.51 44.83
N VAL A 249 20.96 -0.83 44.81
CA VAL A 249 20.71 -1.62 46.00
C VAL A 249 21.57 -2.89 45.93
N ILE A 250 22.05 -3.32 47.11
CA ILE A 250 22.87 -4.52 47.22
C ILE A 250 22.25 -5.46 48.26
N ASN A 251 21.99 -6.71 47.83
CA ASN A 251 21.54 -7.76 48.74
C ASN A 251 22.33 -9.03 48.43
N GLU A 252 23.18 -9.42 49.37
CA GLU A 252 24.12 -10.52 49.18
C GLU A 252 23.37 -11.84 48.96
N ASN A 253 22.19 -11.98 49.60
CA ASN A 253 21.37 -13.19 49.53
C ASN A 253 20.70 -13.31 48.16
N GLY A 254 20.56 -12.17 47.45
CA GLY A 254 20.05 -12.15 46.09
C GLY A 254 18.79 -11.30 46.01
N ILE A 255 18.63 -10.54 44.91
CA ILE A 255 17.45 -9.70 44.78
C ILE A 255 16.46 -10.40 43.85
N ASP A 256 15.17 -10.12 44.07
CA ASP A 256 14.08 -10.60 43.24
C ASP A 256 13.88 -9.60 42.11
N VAL A 257 14.30 -9.99 40.90
CA VAL A 257 14.30 -9.12 39.74
C VAL A 257 12.89 -8.59 39.49
N ASN A 258 11.91 -9.51 39.54
CA ASN A 258 10.52 -9.19 39.28
C ASN A 258 10.03 -8.14 40.27
N ARG A 259 10.22 -8.39 41.57
CA ARG A 259 9.76 -7.47 42.61
C ARG A 259 10.43 -6.11 42.40
N ALA A 260 11.70 -6.10 41.96
CA ALA A 260 12.46 -4.88 41.76
C ALA A 260 11.89 -4.06 40.59
N LEU A 261 11.15 -4.71 39.68
CA LEU A 261 10.48 -4.00 38.60
C LEU A 261 9.23 -3.32 39.13
N GLU A 262 8.53 -4.01 40.05
CA GLU A 262 7.34 -3.46 40.70
C GLU A 262 7.71 -2.15 41.40
N VAL A 263 8.83 -2.16 42.15
CA VAL A 263 9.27 -0.98 42.89
C VAL A 263 9.37 0.22 41.96
N VAL A 264 9.63 -0.05 40.67
CA VAL A 264 9.72 1.00 39.66
C VAL A 264 8.35 1.11 38.97
N SER A 269 12.98 4.71 41.20
CA SER A 269 14.03 3.75 40.77
C SER A 269 14.11 2.57 41.74
N VAL A 270 15.16 1.75 41.56
CA VAL A 270 15.31 0.53 42.31
C VAL A 270 15.92 0.82 43.68
N VAL A 271 16.24 2.10 43.94
CA VAL A 271 16.78 2.58 45.21
C VAL A 271 15.94 2.09 46.39
N ASN A 272 14.61 2.03 46.21
CA ASN A 272 13.68 1.92 47.32
C ASN A 272 13.35 0.47 47.62
N TYR A 273 14.03 -0.46 46.91
CA TYR A 273 13.98 -1.88 47.24
C TYR A 273 14.28 -2.03 48.73
N LEU A 274 13.42 -2.76 49.43
CA LEU A 274 13.33 -2.64 50.87
C LEU A 274 14.38 -3.54 51.52
N GLU A 275 14.76 -4.63 50.83
CA GLU A 275 15.68 -5.61 51.36
C GLU A 275 17.07 -5.47 50.72
N GLY A 276 17.81 -4.39 51.06
CA GLY A 276 19.19 -4.24 50.63
C GLY A 276 19.86 -2.91 51.02
N LYS A 277 21.20 -2.85 50.90
CA LYS A 277 21.97 -1.65 51.23
C LYS A 277 21.82 -0.64 50.10
N LYS A 278 21.32 0.55 50.43
CA LYS A 278 21.19 1.63 49.46
C LYS A 278 22.58 2.13 49.08
N VAL A 279 22.88 2.17 47.77
CA VAL A 279 24.20 2.57 47.29
C VAL A 279 24.09 3.47 46.07
N THR A 280 25.12 4.27 45.81
CA THR A 280 25.16 5.06 44.59
C THR A 280 25.61 4.16 43.44
N ASN A 281 25.56 4.70 42.21
CA ASN A 281 26.10 4.02 41.04
C ASN A 281 27.60 3.83 41.20
N GLU A 282 28.33 4.86 41.67
CA GLU A 282 29.76 4.77 41.92
C GLU A 282 30.08 3.59 42.85
N GLU A 283 29.30 3.49 43.92
CA GLU A 283 29.54 2.57 45.01
C GLU A 283 29.16 1.15 44.56
N LEU A 284 28.20 1.06 43.62
CA LEU A 284 27.77 -0.22 43.04
C LEU A 284 28.89 -0.79 42.17
N LEU A 285 29.48 0.05 41.32
CA LEU A 285 30.46 -0.38 40.31
C LEU A 285 31.67 -1.03 40.96
N ILE A 286 32.00 -0.59 42.18
CA ILE A 286 33.23 -1.00 42.83
C ILE A 286 32.93 -1.99 43.97
N SER A 287 31.72 -2.57 43.95
CA SER A 287 31.32 -3.47 45.00
C SER A 287 31.72 -4.90 44.63
N ASP A 288 31.84 -5.72 45.67
CA ASP A 288 32.26 -7.10 45.54
C ASP A 288 31.18 -7.86 44.76
N CYS A 289 31.60 -8.51 43.67
CA CYS A 289 30.77 -9.43 42.91
C CYS A 289 31.65 -10.42 42.16
N ASP A 290 31.01 -11.35 41.45
CA ASP A 290 31.69 -12.22 40.51
C ASP A 290 31.58 -11.65 39.10
N ILE A 291 30.37 -11.26 38.67
CA ILE A 291 30.19 -10.64 37.38
C ILE A 291 29.64 -9.23 37.57
N LEU A 292 30.31 -8.25 36.97
CA LEU A 292 29.77 -6.90 36.90
C LEU A 292 29.34 -6.64 35.48
N ILE A 293 28.09 -6.16 35.29
CA ILE A 293 27.53 -5.95 33.96
C ILE A 293 27.10 -4.50 33.83
N PRO A 294 27.95 -3.60 33.31
CA PRO A 294 27.53 -2.24 32.97
C PRO A 294 26.46 -2.24 31.88
N ALA A 295 25.26 -1.71 32.21
CA ALA A 295 24.15 -1.72 31.27
C ALA A 295 23.46 -0.35 31.19
N ALA A 296 24.22 0.74 31.30
CA ALA A 296 23.64 2.07 31.32
C ALA A 296 24.39 2.96 30.32
N VAL A 297 24.98 4.05 30.81
CA VAL A 297 25.70 5.00 29.97
C VAL A 297 27.11 4.47 29.71
N GLU A 298 27.88 5.18 28.88
CA GLU A 298 29.25 4.80 28.57
C GLU A 298 30.25 5.46 29.53
N ASN A 299 31.51 5.03 29.44
CA ASN A 299 32.62 5.62 30.20
C ASN A 299 32.32 5.65 31.68
N VAL A 300 31.52 4.68 32.14
CA VAL A 300 31.10 4.67 33.53
C VAL A 300 32.26 4.11 34.37
N ILE A 301 33.27 3.54 33.71
CA ILE A 301 34.46 3.03 34.37
C ILE A 301 35.72 3.59 33.69
N ASN A 302 36.57 4.26 34.47
CA ASN A 302 37.70 5.01 33.94
C ASN A 302 39.00 4.64 34.66
N LYS A 303 40.03 5.51 34.55
CA LYS A 303 41.32 5.36 35.22
C LYS A 303 41.12 5.37 36.73
N PHE A 304 40.02 6.00 37.16
CA PHE A 304 39.81 6.39 38.55
C PHE A 304 39.13 5.26 39.33
N ASN A 305 38.19 4.52 38.72
CA ASN A 305 37.51 3.49 39.48
C ASN A 305 37.95 2.07 39.06
N ALA A 306 38.49 1.94 37.83
CA ALA A 306 38.94 0.66 37.33
C ALA A 306 39.81 -0.06 38.36
N PRO A 307 40.75 0.63 39.05
CA PRO A 307 41.54 -0.04 40.10
C PRO A 307 40.77 -0.57 41.30
N LYS A 308 39.48 -0.21 41.45
CA LYS A 308 38.71 -0.53 42.64
C LYS A 308 37.64 -1.57 42.35
N VAL A 309 37.43 -1.88 41.07
CA VAL A 309 36.43 -2.86 40.71
C VAL A 309 36.86 -4.19 41.32
N ARG A 310 35.91 -4.87 41.96
CA ARG A 310 36.23 -6.03 42.78
C ARG A 310 35.66 -7.27 42.11
N ALA A 311 35.25 -7.13 40.85
CA ALA A 311 34.60 -8.20 40.10
C ALA A 311 35.66 -8.98 39.35
N LYS A 312 35.43 -10.29 39.13
CA LYS A 312 36.41 -11.08 38.39
C LYS A 312 36.11 -11.04 36.89
N LEU A 313 34.83 -10.86 36.51
CA LEU A 313 34.43 -10.79 35.10
C LEU A 313 33.62 -9.52 34.87
N ILE A 314 33.91 -8.83 33.76
CA ILE A 314 33.05 -7.74 33.29
C ILE A 314 32.49 -8.10 31.93
N VAL A 315 31.18 -7.89 31.78
CA VAL A 315 30.46 -8.12 30.54
C VAL A 315 29.79 -6.82 30.16
N GLU A 316 30.15 -6.24 29.01
CA GLU A 316 29.67 -4.91 28.71
C GLU A 316 28.31 -5.03 28.04
N GLY A 317 27.25 -4.75 28.80
CA GLY A 317 25.92 -4.65 28.24
C GLY A 317 25.74 -3.34 27.48
N ALA A 318 26.26 -2.25 28.05
CA ALA A 318 26.18 -0.94 27.41
C ALA A 318 27.27 -0.82 26.34
N ASN A 319 27.31 0.35 25.68
CA ASN A 319 28.33 0.61 24.68
C ASN A 319 29.44 1.41 25.34
N GLY A 320 30.67 0.90 25.19
CA GLY A 320 31.87 1.62 25.56
C GLY A 320 31.88 2.08 27.01
N PRO A 321 31.42 1.24 27.96
CA PRO A 321 31.38 1.62 29.39
C PRO A 321 32.75 1.75 30.07
N LEU A 322 33.75 1.03 29.53
CA LEU A 322 35.14 1.11 29.95
C LEU A 322 35.92 2.03 29.00
N THR A 323 36.54 3.03 29.61
CA THR A 323 37.53 3.92 29.02
C THR A 323 38.73 3.09 28.56
N ALA A 324 39.49 3.55 27.56
CA ALA A 324 40.65 2.80 27.08
C ALA A 324 41.66 2.53 28.18
N ASP A 325 41.80 3.48 29.13
CA ASP A 325 42.70 3.36 30.26
C ASP A 325 42.24 2.28 31.24
N ALA A 326 40.94 2.02 31.31
CA ALA A 326 40.41 1.00 32.21
C ALA A 326 40.63 -0.39 31.62
N ASP A 327 40.77 -0.47 30.29
CA ASP A 327 41.13 -1.73 29.65
C ASP A 327 42.51 -2.13 30.14
N GLU A 328 43.44 -1.17 30.07
CA GLU A 328 44.83 -1.42 30.46
C GLU A 328 44.87 -1.91 31.90
N ILE A 329 44.20 -1.14 32.77
CA ILE A 329 44.17 -1.43 34.19
C ILE A 329 43.58 -2.82 34.42
N MET A 330 42.54 -3.16 33.66
CA MET A 330 41.81 -4.41 33.89
C MET A 330 42.66 -5.58 33.42
N LYS A 331 43.36 -5.40 32.30
CA LYS A 331 44.30 -6.39 31.82
C LYS A 331 45.36 -6.63 32.89
N GLN A 332 45.84 -5.54 33.50
CA GLN A 332 46.93 -5.62 34.47
C GLN A 332 46.48 -6.23 35.78
N ARG A 333 45.17 -6.11 36.13
CA ARG A 333 44.63 -6.63 37.37
C ARG A 333 44.05 -8.03 37.18
N GLY A 334 44.07 -8.54 35.94
CA GLY A 334 43.69 -9.92 35.68
C GLY A 334 42.18 -10.09 35.64
N VAL A 335 41.45 -8.98 35.41
CA VAL A 335 39.99 -9.09 35.32
C VAL A 335 39.62 -9.17 33.84
N ILE A 336 38.82 -10.20 33.52
CA ILE A 336 38.43 -10.49 32.15
C ILE A 336 37.31 -9.53 31.80
N VAL A 337 37.49 -8.85 30.66
CA VAL A 337 36.53 -7.92 30.11
C VAL A 337 36.00 -8.48 28.79
N ILE A 338 34.69 -8.75 28.76
CA ILE A 338 34.02 -9.27 27.59
C ILE A 338 33.29 -8.10 26.92
N PRO A 339 33.74 -7.69 25.71
CA PRO A 339 33.48 -6.36 25.19
C PRO A 339 32.09 -6.22 24.56
N ASP A 340 31.58 -4.98 24.58
CA ASP A 340 30.31 -4.60 23.99
C ASP A 340 30.09 -5.25 22.62
N ILE A 341 31.10 -5.16 21.72
CA ILE A 341 30.98 -5.64 20.35
C ILE A 341 30.34 -7.04 20.29
N LEU A 342 30.56 -7.88 21.30
CA LEU A 342 29.92 -9.19 21.34
C LEU A 342 28.73 -9.18 22.30
N ALA A 343 28.99 -8.71 23.52
CA ALA A 343 28.07 -8.94 24.64
C ALA A 343 26.75 -8.19 24.46
N ASN A 344 26.76 -7.04 23.78
CA ASN A 344 25.52 -6.29 23.66
C ASN A 344 25.03 -6.30 22.21
N ALA A 345 25.24 -7.44 21.54
CA ALA A 345 24.89 -7.50 20.13
C ALA A 345 23.63 -8.34 19.91
N GLY A 346 23.03 -8.84 21.00
CA GLY A 346 21.72 -9.45 20.92
C GLY A 346 20.73 -8.55 20.20
N GLY A 347 20.84 -7.23 20.44
CA GLY A 347 20.00 -6.25 19.77
C GLY A 347 20.11 -6.33 18.24
N VAL A 348 21.34 -6.30 17.74
CA VAL A 348 21.56 -6.28 16.32
C VAL A 348 21.22 -7.64 15.70
N VAL A 349 21.45 -8.74 16.44
CA VAL A 349 21.15 -10.09 15.95
C VAL A 349 19.63 -10.25 15.85
N GLY A 350 18.91 -9.70 16.84
CA GLY A 350 17.46 -9.76 16.84
C GLY A 350 16.90 -9.00 15.66
N SER A 351 17.56 -7.91 15.29
CA SER A 351 17.13 -7.19 14.10
C SER A 351 17.46 -7.98 12.83
N TYR A 352 18.56 -8.72 12.86
CA TYR A 352 18.87 -9.60 11.74
C TYR A 352 17.72 -10.58 11.60
N VAL A 353 17.26 -11.11 12.73
CA VAL A 353 16.23 -12.12 12.74
C VAL A 353 14.89 -11.51 12.33
N GLU A 354 14.65 -10.26 12.73
CA GLU A 354 13.47 -9.50 12.32
C GLU A 354 13.45 -9.45 10.79
N TRP A 355 14.60 -9.07 10.21
CA TRP A 355 14.82 -8.93 8.78
C TRP A 355 14.57 -10.26 8.08
N ALA A 356 15.28 -11.29 8.52
CA ALA A 356 15.13 -12.61 7.92
C ALA A 356 13.67 -13.07 8.02
N ASN A 357 13.02 -12.76 9.16
CA ASN A 357 11.64 -13.20 9.37
C ASN A 357 10.76 -12.57 8.29
N ASN A 358 10.90 -11.25 8.08
CA ASN A 358 10.18 -10.53 7.05
C ASN A 358 10.37 -11.21 5.69
N ARG A 359 11.62 -11.49 5.31
CA ARG A 359 11.91 -12.09 4.02
C ARG A 359 11.30 -13.49 3.90
N SER A 360 11.32 -14.28 4.97
CA SER A 360 10.74 -15.62 4.98
C SER A 360 9.21 -15.61 4.97
N GLY A 361 8.59 -14.44 5.22
CA GLY A 361 7.14 -14.31 5.22
C GLY A 361 6.51 -13.96 6.58
N GLY A 362 7.28 -14.05 7.67
CA GLY A 362 6.78 -13.73 9.00
C GLY A 362 6.49 -14.96 9.86
N ILE A 363 6.86 -16.16 9.40
CA ILE A 363 6.46 -17.41 10.04
C ILE A 363 7.15 -17.65 11.37
N ILE A 364 8.43 -17.26 11.51
CA ILE A 364 9.24 -17.67 12.66
C ILE A 364 8.50 -17.30 13.96
N SER A 365 8.53 -18.21 14.95
CA SER A 365 7.94 -17.99 16.26
C SER A 365 9.00 -17.53 17.26
N ASP A 366 8.53 -16.90 18.34
CA ASP A 366 9.39 -16.39 19.39
C ASP A 366 10.44 -17.42 19.83
N GLU A 367 10.08 -18.70 19.89
CA GLU A 367 10.99 -19.69 20.46
C GLU A 367 12.11 -19.97 19.46
N GLU A 368 11.77 -20.06 18.15
CA GLU A 368 12.77 -20.27 17.11
C GLU A 368 13.70 -19.06 16.99
N ALA A 369 13.16 -17.86 17.23
CA ALA A 369 13.92 -16.63 17.10
C ALA A 369 14.87 -16.45 18.28
N LYS A 370 14.49 -16.99 19.45
CA LYS A 370 15.32 -16.95 20.65
C LYS A 370 16.57 -17.78 20.40
N LYS A 371 16.40 -18.94 19.78
CA LYS A 371 17.51 -19.84 19.48
C LYS A 371 18.44 -19.24 18.43
N LEU A 372 17.91 -18.59 17.38
CA LEU A 372 18.75 -17.99 16.34
C LEU A 372 19.66 -16.93 16.98
N ILE A 373 19.17 -16.33 18.05
CA ILE A 373 19.93 -15.33 18.77
C ILE A 373 20.96 -16.06 19.64
N VAL A 374 20.46 -16.92 20.53
CA VAL A 374 21.34 -17.62 21.44
C VAL A 374 22.45 -18.30 20.63
N ASP A 375 22.14 -19.03 19.57
CA ASP A 375 23.13 -19.82 18.86
C ASP A 375 24.19 -18.97 18.16
N ARG A 376 23.80 -17.81 17.64
CA ARG A 376 24.71 -16.98 16.86
C ARG A 376 25.64 -16.20 17.79
N MET A 377 25.20 -16.04 19.05
CA MET A 377 25.97 -15.39 20.10
C MET A 377 26.98 -16.39 20.69
N ILE A 378 26.55 -17.64 20.92
CA ILE A 378 27.50 -18.68 21.35
C ILE A 378 28.51 -18.93 20.23
N ASN A 379 28.06 -19.10 18.98
CA ASN A 379 28.99 -19.38 17.90
C ASN A 379 30.07 -18.32 17.84
N ALA A 380 29.66 -17.05 17.90
CA ALA A 380 30.60 -15.95 17.78
C ALA A 380 31.62 -16.01 18.92
N PHE A 381 31.13 -16.24 20.14
CA PHE A 381 31.95 -16.25 21.34
C PHE A 381 33.00 -17.36 21.30
N ASN A 382 32.63 -18.53 20.76
CA ASN A 382 33.56 -19.65 20.71
C ASN A 382 34.59 -19.45 19.60
N THR A 383 34.20 -18.90 18.44
CA THR A 383 35.21 -18.61 17.42
C THR A 383 36.17 -17.53 17.93
N LEU A 384 35.69 -16.62 18.78
CA LEU A 384 36.53 -15.61 19.40
C LEU A 384 37.50 -16.28 20.38
N TYR A 385 36.93 -16.94 21.39
CA TYR A 385 37.67 -17.56 22.48
C TYR A 385 38.70 -18.58 21.97
N ASP A 386 38.28 -19.50 21.07
CA ASP A 386 39.15 -20.49 20.45
C ASP A 386 40.32 -19.82 19.73
N PHE A 387 40.06 -18.67 19.08
CA PHE A 387 41.06 -17.98 18.29
C PHE A 387 42.06 -17.21 19.16
N HIS A 388 41.68 -16.97 20.43
CA HIS A 388 42.54 -16.24 21.36
C HIS A 388 43.59 -17.18 21.91
N LYS A 389 43.23 -18.46 22.00
CA LYS A 389 44.13 -19.51 22.45
C LYS A 389 45.25 -19.69 21.43
N ARG A 390 44.92 -19.46 20.15
CA ARG A 390 45.80 -19.76 19.03
C ARG A 390 46.68 -18.56 18.68
N LYS A 391 46.18 -17.33 18.81
CA LYS A 391 47.04 -16.17 18.62
C LYS A 391 46.46 -14.92 19.27
N PHE A 392 47.22 -13.81 19.15
CA PHE A 392 46.90 -12.52 19.76
C PHE A 392 46.54 -12.70 21.24
N ALA A 393 47.19 -13.68 21.90
CA ALA A 393 46.91 -14.04 23.28
C ALA A 393 47.25 -12.91 24.24
N ASP A 394 48.23 -12.05 23.89
CA ASP A 394 48.64 -10.93 24.74
C ASP A 394 47.61 -9.81 24.67
N GLN A 395 46.76 -9.81 23.61
CA GLN A 395 45.76 -8.78 23.40
C GLN A 395 44.48 -9.13 24.16
N ASP A 396 43.67 -8.11 24.46
CA ASP A 396 42.37 -8.32 25.09
C ASP A 396 41.32 -8.75 24.04
N LEU A 397 40.15 -9.19 24.53
CA LEU A 397 39.10 -9.73 23.67
C LEU A 397 38.54 -8.66 22.73
N ARG A 398 38.45 -7.42 23.22
CA ARG A 398 38.01 -6.29 22.40
C ARG A 398 38.85 -6.20 21.13
N THR A 399 40.17 -6.34 21.27
CA THR A 399 41.11 -6.13 20.16
C THR A 399 41.11 -7.36 19.25
N VAL A 400 41.03 -8.55 19.84
CA VAL A 400 41.01 -9.78 19.07
C VAL A 400 39.68 -9.88 18.30
N ALA A 401 38.58 -9.61 19.01
CA ALA A 401 37.24 -9.55 18.41
C ALA A 401 37.24 -8.60 17.21
N MET A 402 37.74 -7.39 17.45
CA MET A 402 37.78 -6.36 16.41
C MET A 402 38.75 -6.75 15.31
N ALA A 403 39.66 -7.70 15.58
CA ALA A 403 40.57 -8.21 14.56
C ALA A 403 39.89 -9.28 13.72
N LEU A 404 39.23 -10.20 14.42
CA LEU A 404 38.45 -11.24 13.78
C LEU A 404 37.48 -10.54 12.83
N ALA A 405 36.87 -9.47 13.34
CA ALA A 405 35.87 -8.66 12.64
C ALA A 405 36.46 -7.95 11.42
N VAL A 406 37.68 -7.42 11.54
CA VAL A 406 38.31 -6.76 10.40
C VAL A 406 38.78 -7.82 9.40
N ASP A 407 39.22 -8.98 9.90
CA ASP A 407 39.83 -9.99 9.03
C ASP A 407 38.79 -10.44 8.00
N ARG A 408 37.60 -10.81 8.49
CA ARG A 408 36.56 -11.33 7.63
C ARG A 408 36.19 -10.32 6.54
N VAL A 409 36.12 -9.03 6.90
CA VAL A 409 35.76 -7.99 5.96
C VAL A 409 36.81 -7.91 4.87
N VAL A 410 38.09 -7.84 5.25
CA VAL A 410 39.13 -7.63 4.26
C VAL A 410 39.20 -8.89 3.39
N GLY A 411 38.95 -10.05 4.01
CA GLY A 411 38.83 -11.31 3.28
C GLY A 411 37.73 -11.27 2.23
N ALA A 412 36.56 -10.72 2.58
CA ALA A 412 35.42 -10.65 1.67
C ALA A 412 35.75 -9.67 0.53
N MET A 413 36.42 -8.59 0.90
CA MET A 413 36.79 -7.57 -0.06
C MET A 413 37.85 -8.11 -1.03
N LYS A 414 38.74 -8.99 -0.56
CA LYS A 414 39.73 -9.61 -1.44
C LYS A 414 39.01 -10.48 -2.47
N ALA A 415 38.04 -11.29 -2.02
CA ALA A 415 37.36 -12.24 -2.88
C ALA A 415 36.63 -11.55 -4.03
N ARG A 416 36.14 -10.33 -3.75
CA ARG A 416 35.32 -9.55 -4.66
C ARG A 416 36.18 -8.57 -5.44
N GLY A 417 37.49 -8.59 -5.18
CA GLY A 417 38.44 -7.84 -5.98
C GLY A 417 38.35 -6.36 -5.63
N LEU A 418 37.96 -6.09 -4.38
CA LEU A 418 37.83 -4.73 -3.87
C LEU A 418 39.15 -4.26 -3.24
N LEU A 419 40.05 -5.20 -2.93
CA LEU A 419 41.44 -4.87 -2.69
C LEU A 419 42.31 -6.13 -2.85
N ASN B 8 -25.89 10.91 -16.28
CA ASN B 8 -26.58 12.07 -16.91
C ASN B 8 -25.72 12.60 -18.06
N LEU B 9 -24.51 13.07 -17.73
CA LEU B 9 -23.53 13.37 -18.76
C LEU B 9 -23.10 12.05 -19.41
N LEU B 10 -22.98 11.00 -18.60
CA LEU B 10 -22.56 9.70 -19.13
C LEU B 10 -23.54 9.31 -20.21
N VAL B 11 -24.83 9.24 -19.85
CA VAL B 11 -25.84 8.62 -20.69
C VAL B 11 -25.97 9.39 -22.01
N GLN B 12 -25.73 10.70 -22.00
CA GLN B 12 -25.82 11.48 -23.23
C GLN B 12 -24.60 11.19 -24.11
N GLN B 13 -23.46 10.89 -23.46
CA GLN B 13 -22.20 10.68 -24.17
C GLN B 13 -22.22 9.31 -24.83
N VAL B 14 -22.75 8.32 -24.11
CA VAL B 14 -22.92 6.97 -24.63
C VAL B 14 -23.93 7.00 -25.78
N LYS B 15 -24.97 7.83 -25.63
CA LYS B 15 -25.99 7.92 -26.65
C LYS B 15 -25.36 8.58 -27.87
N LYS B 16 -24.72 9.73 -27.67
CA LYS B 16 -24.11 10.41 -28.79
C LYS B 16 -23.18 9.45 -29.52
N LEU B 17 -22.49 8.58 -28.77
CA LEU B 17 -21.52 7.67 -29.34
C LEU B 17 -22.19 6.61 -30.20
N TYR B 18 -23.27 5.98 -29.69
CA TYR B 18 -23.98 4.93 -30.43
C TYR B 18 -24.64 5.49 -31.68
N LYS B 19 -25.09 6.75 -31.60
CA LYS B 19 -25.61 7.44 -32.76
C LYS B 19 -24.54 7.48 -33.85
N VAL B 20 -23.30 7.79 -33.44
CA VAL B 20 -22.20 8.02 -34.35
C VAL B 20 -21.68 6.69 -34.90
N GLY B 21 -21.81 5.62 -34.10
CA GLY B 21 -21.31 4.31 -34.48
C GLY B 21 -22.16 3.71 -35.61
N GLU B 22 -23.48 3.88 -35.51
CA GLU B 22 -24.39 3.39 -36.53
C GLU B 22 -24.08 4.11 -37.85
N LEU B 23 -23.77 5.42 -37.75
CA LEU B 23 -23.51 6.25 -38.91
C LEU B 23 -22.21 5.84 -39.61
N LEU B 24 -21.25 5.31 -38.84
CA LEU B 24 -19.99 4.86 -39.39
C LEU B 24 -20.08 3.41 -39.85
N GLY B 25 -21.18 2.73 -39.48
CA GLY B 25 -21.43 1.35 -39.88
C GLY B 25 -20.65 0.35 -39.01
N LEU B 26 -20.76 0.48 -37.68
CA LEU B 26 -19.95 -0.29 -36.73
C LEU B 26 -20.83 -1.29 -35.97
N ASP B 27 -20.25 -2.46 -35.68
CA ASP B 27 -20.87 -3.44 -34.79
C ASP B 27 -21.27 -2.75 -33.51
N SER B 28 -22.29 -3.28 -32.83
CA SER B 28 -22.65 -2.75 -31.53
C SER B 28 -21.59 -3.15 -30.50
N GLU B 29 -20.90 -4.28 -30.79
CA GLU B 29 -19.86 -4.83 -29.92
C GLU B 29 -18.59 -3.98 -29.99
N THR B 30 -18.35 -3.42 -31.18
CA THR B 30 -17.26 -2.49 -31.44
C THR B 30 -17.51 -1.17 -30.73
N ILE B 31 -18.77 -0.77 -30.59
CA ILE B 31 -19.11 0.50 -29.94
C ILE B 31 -19.11 0.30 -28.41
N ASP B 32 -19.48 -0.91 -27.95
CA ASP B 32 -19.34 -1.29 -26.54
C ASP B 32 -17.89 -1.09 -26.09
N VAL B 33 -16.96 -1.61 -26.88
CA VAL B 33 -15.56 -1.43 -26.58
C VAL B 33 -15.32 0.08 -26.43
N LEU B 34 -15.64 0.86 -27.48
CA LEU B 34 -15.25 2.26 -27.52
C LEU B 34 -15.86 2.99 -26.32
N SER B 35 -17.06 2.58 -25.93
CA SER B 35 -17.84 3.24 -24.90
C SER B 35 -17.19 3.07 -23.52
N GLN B 36 -16.95 1.83 -23.11
CA GLN B 36 -16.50 1.54 -21.76
C GLN B 36 -15.03 1.92 -21.66
N PRO B 37 -14.60 2.51 -20.52
CA PRO B 37 -13.23 2.95 -20.33
C PRO B 37 -12.31 1.77 -20.10
N GLU B 38 -11.03 1.94 -20.48
CA GLU B 38 -10.05 0.88 -20.36
C GLU B 38 -9.79 0.60 -18.89
N ARG B 39 -9.56 1.68 -18.14
CA ARG B 39 -9.35 1.56 -16.72
C ARG B 39 -9.96 2.77 -16.03
N VAL B 40 -10.46 2.55 -14.82
CA VAL B 40 -10.90 3.62 -13.93
C VAL B 40 -10.43 3.27 -12.53
N MET B 41 -9.88 4.25 -11.81
CA MET B 41 -9.58 3.99 -10.41
C MET B 41 -10.24 5.03 -9.52
N GLN B 42 -10.57 4.55 -8.32
CA GLN B 42 -11.14 5.37 -7.27
C GLN B 42 -10.28 5.21 -6.02
N VAL B 43 -10.09 6.32 -5.30
CA VAL B 43 -9.13 6.41 -4.21
C VAL B 43 -9.76 7.16 -3.04
N LYS B 44 -9.44 6.71 -1.83
CA LYS B 44 -9.93 7.32 -0.60
C LYS B 44 -8.84 8.24 -0.06
N ILE B 45 -9.18 9.52 0.11
CA ILE B 45 -8.24 10.52 0.59
C ILE B 45 -8.67 10.98 1.97
N GLN B 46 -7.92 10.64 3.03
CA GLN B 46 -8.19 11.24 4.34
C GLN B 46 -7.35 12.51 4.51
N ILE B 47 -8.07 13.61 4.80
CA ILE B 47 -7.56 14.95 5.05
C ILE B 47 -7.83 15.29 6.52
N ARG B 48 -6.84 15.91 7.16
CA ARG B 48 -6.98 16.33 8.55
C ARG B 48 -7.01 17.85 8.62
N SER B 49 -7.96 18.37 9.39
CA SER B 49 -8.16 19.81 9.50
C SER B 49 -7.26 20.38 10.61
N SER B 50 -7.25 21.71 10.71
CA SER B 50 -6.48 22.38 11.75
C SER B 50 -6.93 21.96 13.15
N ASP B 51 -8.25 21.82 13.31
CA ASP B 51 -8.87 21.51 14.59
C ASP B 51 -8.69 20.02 14.94
N GLY B 52 -8.05 19.24 14.06
CA GLY B 52 -7.93 17.80 14.23
C GLY B 52 -9.05 17.00 13.55
N LYS B 53 -10.08 17.68 13.03
CA LYS B 53 -11.21 17.05 12.36
C LYS B 53 -10.70 16.24 11.17
N LEU B 54 -11.23 15.02 11.04
CA LEU B 54 -10.89 14.12 9.94
C LEU B 54 -12.05 14.12 8.93
N ARG B 55 -11.71 14.22 7.66
CA ARG B 55 -12.68 14.12 6.60
C ARG B 55 -12.05 13.25 5.51
N THR B 56 -12.83 12.32 4.96
CA THR B 56 -12.32 11.54 3.85
C THR B 56 -13.09 11.96 2.59
N PHE B 57 -12.40 11.94 1.44
CA PHE B 57 -12.96 12.36 0.16
C PHE B 57 -12.65 11.32 -0.91
N ILE B 58 -13.62 11.05 -1.78
CA ILE B 58 -13.48 10.04 -2.80
C ILE B 58 -13.19 10.72 -4.13
N GLY B 59 -12.23 10.17 -4.90
CA GLY B 59 -11.85 10.71 -6.19
C GLY B 59 -11.59 9.62 -7.25
N TRP B 60 -11.48 10.05 -8.50
CA TRP B 60 -11.50 9.14 -9.65
C TRP B 60 -10.49 9.59 -10.69
N ARG B 61 -9.94 8.60 -11.39
CA ARG B 61 -9.23 8.82 -12.64
C ARG B 61 -9.80 7.82 -13.62
N SER B 62 -10.51 8.34 -14.63
CA SER B 62 -10.98 7.52 -15.73
C SER B 62 -10.02 7.68 -16.91
N GLN B 63 -9.50 6.52 -17.33
CA GLN B 63 -8.58 6.36 -18.42
C GLN B 63 -9.38 5.67 -19.51
N HIS B 64 -9.97 6.47 -20.40
CA HIS B 64 -11.00 5.96 -21.29
C HIS B 64 -10.41 5.09 -22.40
N ASN B 65 -9.46 5.65 -23.15
CA ASN B 65 -8.91 5.02 -24.34
C ASN B 65 -7.51 5.53 -24.65
N SER B 66 -6.64 4.63 -25.12
CA SER B 66 -5.23 4.94 -25.39
C SER B 66 -4.80 4.34 -26.71
N ALA B 67 -5.74 4.26 -27.66
CA ALA B 67 -5.44 3.78 -29.00
C ALA B 67 -4.37 4.66 -29.66
N LEU B 68 -4.52 5.98 -29.48
CA LEU B 68 -3.74 6.97 -30.20
C LEU B 68 -2.56 7.45 -29.36
N GLY B 69 -2.58 7.15 -28.05
CA GLY B 69 -1.52 7.58 -27.17
C GLY B 69 -1.89 7.49 -25.70
N PRO B 70 -1.08 8.10 -24.80
CA PRO B 70 -1.35 8.05 -23.37
C PRO B 70 -2.55 8.92 -23.06
N TYR B 71 -3.28 8.51 -22.02
CA TYR B 71 -4.44 9.26 -21.56
C TYR B 71 -3.99 10.69 -21.28
N LYS B 72 -4.81 11.68 -21.70
CA LYS B 72 -4.58 13.11 -21.45
C LYS B 72 -5.90 13.76 -21.03
N GLY B 73 -5.88 14.55 -19.94
CA GLY B 73 -7.07 15.28 -19.52
C GLY B 73 -7.07 15.68 -18.04
N GLY B 74 -7.77 16.80 -17.78
CA GLY B 74 -7.69 17.52 -16.52
C GLY B 74 -8.40 16.83 -15.35
N VAL B 75 -8.29 17.48 -14.18
CA VAL B 75 -8.87 17.02 -12.93
C VAL B 75 -9.75 18.13 -12.35
N ARG B 76 -11.03 17.83 -12.10
CA ARG B 76 -11.90 18.82 -11.50
C ARG B 76 -12.27 18.44 -10.09
N TYR B 77 -12.31 19.48 -9.25
CA TYR B 77 -12.80 19.43 -7.89
C TYR B 77 -14.21 20.02 -7.89
N GLY B 78 -15.12 19.40 -7.12
CA GLY B 78 -16.49 19.87 -7.06
C GLY B 78 -17.35 18.95 -6.19
N PRO B 79 -18.34 19.48 -5.44
CA PRO B 79 -19.13 18.63 -4.54
C PRO B 79 -20.16 17.74 -5.24
N ASN B 80 -20.33 17.90 -6.56
CA ASN B 80 -21.28 17.10 -7.30
C ASN B 80 -20.58 16.14 -8.28
N VAL B 81 -19.26 15.98 -8.19
CA VAL B 81 -18.60 15.13 -9.16
C VAL B 81 -18.83 13.69 -8.72
N THR B 82 -18.92 12.82 -9.72
CA THR B 82 -19.28 11.42 -9.55
C THR B 82 -18.39 10.59 -10.47
N GLN B 83 -18.31 9.31 -10.18
CA GLN B 83 -17.52 8.41 -11.01
C GLN B 83 -17.91 8.61 -12.47
N ASP B 84 -19.22 8.69 -12.74
CA ASP B 84 -19.72 8.67 -14.11
C ASP B 84 -19.50 10.00 -14.81
N GLU B 85 -19.50 11.10 -14.05
CA GLU B 85 -19.16 12.38 -14.64
C GLU B 85 -17.71 12.32 -15.14
N VAL B 86 -16.85 11.69 -14.33
CA VAL B 86 -15.42 11.60 -14.67
C VAL B 86 -15.28 10.74 -15.93
N ILE B 87 -15.95 9.57 -15.95
CA ILE B 87 -15.89 8.68 -17.09
C ILE B 87 -16.34 9.41 -18.34
N ALA B 88 -17.50 10.06 -18.24
CA ALA B 88 -18.09 10.73 -19.39
C ALA B 88 -17.14 11.79 -19.90
N LEU B 89 -16.44 12.43 -18.97
CA LEU B 89 -15.46 13.44 -19.33
C LEU B 89 -14.22 12.78 -19.94
N SER B 90 -13.89 11.57 -19.46
CA SER B 90 -12.90 10.75 -20.14
C SER B 90 -13.18 10.79 -21.63
N MET B 91 -14.45 10.53 -21.97
CA MET B 91 -14.82 10.16 -23.32
C MET B 91 -14.68 11.35 -24.25
N ILE B 92 -15.16 12.51 -23.81
CA ILE B 92 -15.06 13.73 -24.60
C ILE B 92 -13.59 13.98 -24.91
N MET B 93 -12.69 13.68 -23.95
CA MET B 93 -11.25 13.87 -24.14
C MET B 93 -10.71 12.88 -25.20
N THR B 94 -11.09 11.61 -25.11
CA THR B 94 -10.72 10.69 -26.18
C THR B 94 -11.03 11.28 -27.55
N TRP B 95 -12.27 11.73 -27.78
CA TRP B 95 -12.72 12.13 -29.09
C TRP B 95 -12.04 13.43 -29.51
N LYS B 96 -11.91 14.37 -28.56
CA LYS B 96 -11.35 15.67 -28.83
C LYS B 96 -9.88 15.58 -29.27
N ASN B 97 -9.11 14.75 -28.56
CA ASN B 97 -7.69 14.55 -28.86
C ASN B 97 -7.53 13.90 -30.24
N SER B 98 -8.43 12.94 -30.54
CA SER B 98 -8.45 12.25 -31.82
C SER B 98 -8.62 13.25 -32.95
N LEU B 99 -9.56 14.19 -32.77
CA LEU B 99 -9.97 15.09 -33.83
C LEU B 99 -8.86 16.08 -34.15
N LEU B 100 -8.13 16.45 -33.12
CA LEU B 100 -7.06 17.43 -33.27
C LEU B 100 -5.74 16.74 -33.58
N LEU B 101 -5.78 15.43 -33.84
CA LEU B 101 -4.64 14.65 -34.30
C LEU B 101 -3.50 14.71 -33.27
N LEU B 102 -3.87 14.58 -32.00
CA LEU B 102 -2.89 14.59 -30.92
C LEU B 102 -2.43 13.15 -30.64
N PRO B 103 -1.15 12.91 -30.27
CA PRO B 103 -0.64 11.59 -29.90
C PRO B 103 -1.12 11.15 -28.51
N TYR B 104 -2.44 11.19 -28.32
CA TYR B 104 -3.03 11.15 -26.99
C TYR B 104 -4.41 10.49 -27.03
N GLY B 105 -4.78 9.85 -25.93
CA GLY B 105 -6.11 9.33 -25.75
C GLY B 105 -6.83 10.12 -24.67
N GLY B 106 -7.90 9.53 -24.17
CA GLY B 106 -8.81 10.26 -23.30
C GLY B 106 -8.67 9.80 -21.86
N GLY B 107 -8.46 10.76 -20.97
CA GLY B 107 -8.53 10.55 -19.53
C GLY B 107 -9.12 11.77 -18.84
N LYS B 108 -9.66 11.59 -17.63
CA LYS B 108 -10.07 12.72 -16.80
C LYS B 108 -10.11 12.24 -15.37
N GLY B 109 -10.09 13.21 -14.47
CA GLY B 109 -10.15 12.92 -13.05
C GLY B 109 -11.05 13.92 -12.36
N GLY B 110 -11.57 13.52 -11.20
CA GLY B 110 -12.32 14.43 -10.38
C GLY B 110 -12.29 13.99 -8.92
N ILE B 111 -12.54 14.94 -8.01
CA ILE B 111 -12.72 14.63 -6.61
C ILE B 111 -14.05 15.25 -6.17
N ARG B 112 -14.87 14.46 -5.43
CA ARG B 112 -16.07 14.96 -4.75
C ARG B 112 -15.65 15.76 -3.53
N VAL B 113 -15.42 17.06 -3.73
CA VAL B 113 -15.05 17.95 -2.64
C VAL B 113 -15.51 19.35 -3.02
N ASP B 114 -15.87 20.13 -1.99
CA ASP B 114 -16.10 21.56 -2.15
C ASP B 114 -14.82 22.28 -1.75
N PRO B 115 -13.96 22.68 -2.71
CA PRO B 115 -12.71 23.35 -2.37
C PRO B 115 -12.85 24.58 -1.48
N LYS B 116 -14.02 25.25 -1.58
CA LYS B 116 -14.32 26.43 -0.77
C LYS B 116 -14.24 26.05 0.70
N LYS B 117 -14.64 24.81 1.03
CA LYS B 117 -14.74 24.40 2.42
C LYS B 117 -13.40 23.85 2.92
N LEU B 118 -12.31 24.03 2.15
CA LEU B 118 -10.98 23.58 2.56
C LEU B 118 -10.01 24.77 2.52
N THR B 119 -9.07 24.79 3.48
CA THR B 119 -7.94 25.73 3.46
C THR B 119 -6.97 25.34 2.35
N LEU B 120 -6.07 26.27 2.00
CA LEU B 120 -5.05 26.02 0.97
C LEU B 120 -4.17 24.84 1.38
N LYS B 121 -3.96 24.68 2.70
CA LYS B 121 -3.18 23.60 3.26
C LYS B 121 -3.87 22.25 3.04
N GLU B 122 -5.20 22.26 3.05
CA GLU B 122 -5.97 21.03 2.92
C GLU B 122 -6.08 20.66 1.46
N LEU B 123 -6.36 21.66 0.61
CA LEU B 123 -6.32 21.45 -0.82
C LEU B 123 -4.96 20.87 -1.21
N GLU B 124 -3.87 21.52 -0.76
CA GLU B 124 -2.54 21.04 -1.13
C GLU B 124 -2.41 19.57 -0.77
N ASP B 125 -2.81 19.22 0.45
CA ASP B 125 -2.67 17.87 0.97
C ASP B 125 -3.55 16.91 0.16
N LEU B 126 -4.74 17.40 -0.24
CA LEU B 126 -5.70 16.62 -1.01
C LEU B 126 -5.15 16.32 -2.39
N SER B 127 -4.62 17.36 -3.03
CA SER B 127 -4.04 17.29 -4.37
C SER B 127 -2.86 16.32 -4.41
N ARG B 128 -2.00 16.39 -3.39
CA ARG B 128 -0.85 15.51 -3.27
C ARG B 128 -1.28 14.05 -3.18
N LYS B 129 -2.27 13.77 -2.33
CA LYS B 129 -2.56 12.38 -1.96
C LYS B 129 -3.26 11.69 -3.13
N TYR B 130 -4.05 12.44 -3.90
CA TYR B 130 -4.71 11.93 -5.09
C TYR B 130 -3.65 11.36 -6.05
N VAL B 131 -2.71 12.22 -6.45
CA VAL B 131 -1.59 11.83 -7.28
C VAL B 131 -0.93 10.55 -6.75
N GLN B 132 -0.64 10.57 -5.45
CA GLN B 132 0.11 9.50 -4.78
C GLN B 132 -0.61 8.17 -4.90
N LEU B 133 -1.94 8.20 -4.74
CA LEU B 133 -2.75 7.00 -4.71
C LEU B 133 -2.96 6.42 -6.12
N ILE B 134 -2.63 7.18 -7.18
CA ILE B 134 -2.82 6.71 -8.54
C ILE B 134 -1.53 6.71 -9.37
N HIS B 135 -0.36 7.07 -8.83
CA HIS B 135 0.79 7.42 -9.67
C HIS B 135 1.24 6.24 -10.52
N LYS B 136 1.02 5.01 -10.05
CA LYS B 136 1.49 3.86 -10.79
C LYS B 136 0.80 3.78 -12.16
N TYR B 137 -0.30 4.53 -12.40
CA TYR B 137 -0.84 4.67 -13.75
C TYR B 137 -0.89 6.14 -14.17
N LEU B 138 0.14 6.92 -13.76
CA LEU B 138 0.41 8.23 -14.31
C LEU B 138 1.81 8.20 -14.91
N GLY B 139 2.06 9.10 -15.86
CA GLY B 139 3.40 9.33 -16.35
C GLY B 139 3.36 10.16 -17.61
N SER B 140 4.51 10.67 -18.05
CA SER B 140 4.59 11.45 -19.27
C SER B 140 4.26 10.60 -20.48
N ASP B 141 4.34 9.27 -20.30
CA ASP B 141 4.12 8.32 -21.38
C ASP B 141 2.96 7.37 -21.07
N VAL B 142 2.12 7.71 -20.08
CA VAL B 142 1.00 6.84 -19.72
C VAL B 142 -0.29 7.64 -19.48
N ASP B 143 -0.26 8.62 -18.55
CA ASP B 143 -1.43 9.45 -18.26
C ASP B 143 -0.97 10.83 -17.73
N ILE B 144 -1.40 11.90 -18.41
CA ILE B 144 -0.91 13.25 -18.19
C ILE B 144 -2.09 14.13 -17.74
N PRO B 145 -2.33 14.34 -16.42
CA PRO B 145 -3.39 15.22 -15.95
C PRO B 145 -3.08 16.69 -16.20
N ALA B 146 -4.05 17.54 -15.86
CA ALA B 146 -4.08 18.94 -16.25
C ALA B 146 -5.07 19.67 -15.35
N PRO B 147 -5.27 21.00 -15.48
CA PRO B 147 -6.30 21.68 -14.70
C PRO B 147 -7.68 21.46 -15.33
N ASP B 148 -8.71 21.47 -14.49
CA ASP B 148 -10.08 21.60 -14.95
C ASP B 148 -10.78 22.59 -14.02
N ILE B 149 -11.97 22.22 -13.52
CA ILE B 149 -12.81 23.13 -12.74
C ILE B 149 -12.44 23.06 -11.27
N ASN B 150 -12.16 24.22 -10.67
CA ASN B 150 -11.67 24.33 -9.31
C ASN B 150 -10.28 23.72 -9.19
N THR B 151 -9.51 23.85 -10.26
CA THR B 151 -8.16 23.33 -10.33
C THR B 151 -7.38 24.31 -11.21
N ASN B 152 -6.12 24.56 -10.85
CA ASN B 152 -5.38 25.67 -11.45
C ASN B 152 -3.90 25.29 -11.55
N PRO B 153 -3.04 26.16 -12.12
CA PRO B 153 -1.60 25.88 -12.13
C PRO B 153 -1.00 25.58 -10.76
N GLN B 154 -1.63 26.12 -9.72
CA GLN B 154 -1.16 25.88 -8.35
C GLN B 154 -1.43 24.43 -7.99
N THR B 155 -2.59 23.90 -8.38
CA THR B 155 -2.89 22.49 -8.15
C THR B 155 -1.88 21.61 -8.88
N MET B 156 -1.36 22.08 -10.02
CA MET B 156 -0.42 21.30 -10.81
C MET B 156 0.95 21.27 -10.14
N ALA B 157 1.32 22.36 -9.44
CA ALA B 157 2.61 22.43 -8.79
C ALA B 157 2.66 21.44 -7.63
N TRP B 158 1.52 21.24 -6.97
CA TRP B 158 1.43 20.31 -5.86
C TRP B 158 1.44 18.88 -6.40
N PHE B 159 0.67 18.67 -7.46
CA PHE B 159 0.75 17.43 -8.21
C PHE B 159 2.21 17.18 -8.58
N LEU B 160 2.84 18.16 -9.20
CA LEU B 160 4.17 17.94 -9.72
C LEU B 160 5.15 17.61 -8.60
N ASP B 161 5.17 18.41 -7.53
CA ASP B 161 6.14 18.21 -6.46
C ASP B 161 5.98 16.83 -5.82
N GLU B 162 4.73 16.36 -5.70
CA GLU B 162 4.46 15.11 -5.02
C GLU B 162 4.96 13.96 -5.88
N TYR B 163 4.82 14.15 -7.21
CA TYR B 163 5.30 13.19 -8.17
C TYR B 163 6.82 13.09 -8.07
N ILE B 164 7.49 14.26 -8.01
CA ILE B 164 8.93 14.32 -7.88
C ILE B 164 9.35 13.63 -6.58
N LYS B 165 8.52 13.72 -5.55
CA LYS B 165 8.80 13.10 -4.27
C LYS B 165 8.79 11.57 -4.39
N ILE B 166 7.82 11.03 -5.15
CA ILE B 166 7.63 9.59 -5.22
C ILE B 166 8.67 8.97 -6.16
N THR B 167 8.74 9.48 -7.40
CA THR B 167 9.58 8.90 -8.43
C THR B 167 11.05 9.34 -8.27
N GLY B 168 11.28 10.56 -7.79
CA GLY B 168 12.62 11.09 -7.70
C GLY B 168 13.09 11.70 -9.02
N LYS B 169 12.18 11.99 -9.94
CA LYS B 169 12.56 12.55 -11.23
C LYS B 169 11.80 13.86 -11.45
N VAL B 170 12.49 14.86 -12.00
CA VAL B 170 11.83 16.11 -12.33
C VAL B 170 11.27 15.99 -13.73
N ASP B 171 10.18 15.22 -13.84
CA ASP B 171 9.55 14.95 -15.12
C ASP B 171 8.45 15.97 -15.35
N PHE B 172 8.82 17.10 -15.97
CA PHE B 172 7.90 18.22 -16.11
C PHE B 172 6.66 17.78 -16.86
N ALA B 173 6.81 16.88 -17.84
CA ALA B 173 5.77 16.58 -18.80
C ALA B 173 4.67 15.66 -18.25
N VAL B 174 4.74 15.28 -16.97
CA VAL B 174 3.75 14.38 -16.38
C VAL B 174 2.45 15.12 -16.12
N PHE B 175 2.51 16.44 -16.03
CA PHE B 175 1.35 17.25 -15.74
C PHE B 175 1.39 18.45 -16.61
N THR B 176 0.23 18.94 -16.96
CA THR B 176 0.12 20.09 -17.81
C THR B 176 -0.62 21.21 -17.08
N GLY B 177 -0.62 22.40 -17.65
CA GLY B 177 -1.19 23.54 -17.00
C GLY B 177 -0.29 24.02 -15.87
N LYS B 178 1.01 23.76 -15.98
CA LYS B 178 1.92 24.11 -14.90
C LYS B 178 2.25 25.59 -14.97
N PRO B 179 2.62 26.23 -13.83
CA PRO B 179 3.06 27.62 -13.83
C PRO B 179 4.28 27.74 -14.73
N SER B 180 4.47 28.91 -15.35
CA SER B 180 5.53 29.09 -16.35
C SER B 180 6.92 28.80 -15.76
N GLU B 181 7.11 29.05 -14.46
CA GLU B 181 8.43 28.88 -13.84
C GLU B 181 8.63 27.43 -13.40
N LEU B 182 7.64 26.55 -13.65
CA LEU B 182 7.79 25.14 -13.32
C LEU B 182 7.38 24.27 -14.51
N GLY B 183 7.92 24.59 -15.69
CA GLY B 183 7.78 23.74 -16.87
C GLY B 183 6.57 24.11 -17.74
N GLY B 184 5.80 25.10 -17.30
CA GLY B 184 4.65 25.58 -18.05
C GLY B 184 5.08 26.50 -19.19
N ILE B 185 4.10 26.92 -20.00
CA ILE B 185 4.38 27.68 -21.20
C ILE B 185 3.48 28.92 -21.27
N GLY B 186 3.90 29.95 -21.97
CA GLY B 186 3.16 31.19 -21.99
C GLY B 186 1.80 31.22 -22.62
N VAL B 187 1.65 30.59 -23.76
CA VAL B 187 0.40 30.65 -24.47
C VAL B 187 -0.78 30.07 -23.69
N ARG B 188 -0.52 29.40 -22.58
CA ARG B 188 -1.59 28.74 -21.84
C ARG B 188 -2.78 29.63 -21.61
N LEU B 189 -2.59 30.93 -21.64
CA LEU B 189 -3.65 31.86 -21.34
C LEU B 189 -4.38 32.31 -22.59
N TYR B 190 -3.63 32.46 -23.66
CA TYR B 190 -4.22 32.89 -24.93
C TYR B 190 -4.33 31.71 -25.90
N SER B 191 -4.39 30.48 -25.35
CA SER B 191 -4.41 29.26 -26.16
C SER B 191 -5.77 29.10 -26.85
N THR B 192 -6.82 29.01 -26.03
CA THR B 192 -8.18 28.85 -26.51
C THR B 192 -8.53 29.98 -27.48
N GLY B 193 -8.10 31.21 -27.12
CA GLY B 193 -8.31 32.39 -27.92
C GLY B 193 -7.65 32.29 -29.30
N LEU B 194 -6.32 32.13 -29.31
CA LEU B 194 -5.58 31.88 -30.55
C LEU B 194 -6.26 30.76 -31.33
N GLY B 195 -6.71 29.72 -30.60
CA GLY B 195 -7.49 28.65 -31.17
C GLY B 195 -8.77 29.14 -31.88
N VAL B 196 -9.65 29.79 -31.11
CA VAL B 196 -10.94 30.24 -31.64
C VAL B 196 -10.71 31.20 -32.81
N ALA B 197 -9.67 32.02 -32.70
CA ALA B 197 -9.38 33.09 -33.67
C ALA B 197 -8.97 32.54 -35.03
N THR B 198 -8.03 31.58 -35.03
CA THR B 198 -7.48 31.05 -36.27
C THR B 198 -8.48 30.13 -36.96
N ILE B 199 -9.42 29.58 -36.17
CA ILE B 199 -10.55 28.81 -36.69
C ILE B 199 -11.59 29.77 -37.29
N ALA B 200 -11.88 30.87 -36.59
CA ALA B 200 -12.83 31.85 -37.08
C ALA B 200 -12.36 32.41 -38.44
N ARG B 201 -11.04 32.63 -38.59
CA ARG B 201 -10.52 33.33 -39.77
C ARG B 201 -10.60 32.44 -41.01
N ASP B 202 -9.99 31.25 -40.96
CA ASP B 202 -9.89 30.40 -42.14
C ASP B 202 -11.25 29.75 -42.44
N ALA B 203 -12.23 29.93 -41.53
CA ALA B 203 -13.60 29.46 -41.72
C ALA B 203 -14.43 30.44 -42.55
N ALA B 204 -14.17 31.75 -42.41
CA ALA B 204 -14.83 32.77 -43.21
C ALA B 204 -14.27 32.77 -44.63
N ASN B 205 -12.98 32.36 -44.76
CA ASN B 205 -12.29 32.22 -46.03
C ASN B 205 -12.99 31.17 -46.90
N LYS B 206 -13.17 29.98 -46.33
CA LYS B 206 -13.88 28.90 -47.02
C LYS B 206 -15.34 29.33 -47.23
N PHE B 207 -16.04 29.63 -46.13
CA PHE B 207 -17.46 29.94 -46.16
C PHE B 207 -17.66 31.47 -46.25
N ARG B 215 -16.93 41.38 -39.76
CA ARG B 215 -17.98 41.86 -38.81
C ARG B 215 -18.29 40.75 -37.80
N VAL B 216 -17.66 40.84 -36.63
CA VAL B 216 -17.68 39.77 -35.63
C VAL B 216 -18.51 40.21 -34.43
N ILE B 217 -19.08 39.23 -33.71
CA ILE B 217 -19.61 39.42 -32.37
C ILE B 217 -18.99 38.37 -31.46
N ILE B 218 -18.79 38.71 -30.17
CA ILE B 218 -18.30 37.77 -29.18
C ILE B 218 -19.14 37.90 -27.90
N GLN B 219 -19.94 36.87 -27.61
CA GLN B 219 -20.64 36.77 -26.34
C GLN B 219 -19.66 36.32 -25.27
N GLY B 220 -18.87 37.27 -24.76
CA GLY B 220 -17.84 37.01 -23.75
C GLY B 220 -16.58 37.84 -23.99
N PHE B 221 -15.82 38.11 -22.92
CA PHE B 221 -14.56 38.82 -23.04
C PHE B 221 -13.58 38.34 -21.96
N GLY B 222 -13.87 37.18 -21.36
CA GLY B 222 -13.04 36.67 -20.27
C GLY B 222 -11.80 35.97 -20.81
N ASN B 223 -11.51 34.78 -20.23
CA ASN B 223 -10.40 33.94 -20.66
C ASN B 223 -10.28 33.97 -22.20
N VAL B 224 -11.38 33.63 -22.89
CA VAL B 224 -11.37 33.33 -24.32
C VAL B 224 -11.75 34.58 -25.14
N GLY B 225 -12.87 35.23 -24.77
CA GLY B 225 -13.43 36.29 -25.59
C GLY B 225 -12.41 37.37 -25.96
N PHE B 226 -11.70 37.88 -24.95
CA PHE B 226 -10.78 38.99 -25.12
C PHE B 226 -9.73 38.65 -26.17
N PHE B 227 -9.07 37.48 -26.00
CA PHE B 227 -7.99 37.09 -26.90
C PHE B 227 -8.55 36.71 -28.27
N THR B 228 -9.78 36.13 -28.30
CA THR B 228 -10.48 35.89 -29.56
C THR B 228 -10.69 37.22 -30.28
N ALA B 229 -10.97 38.25 -29.52
CA ALA B 229 -11.15 39.55 -30.12
C ALA B 229 -9.86 40.18 -30.61
N LYS B 230 -8.79 40.07 -29.84
CA LYS B 230 -7.53 40.70 -30.20
C LYS B 230 -6.94 40.06 -31.40
N PHE B 231 -6.85 38.74 -31.40
CA PHE B 231 -6.19 38.06 -32.51
C PHE B 231 -6.98 38.22 -33.81
N LEU B 232 -8.32 38.29 -33.73
CA LEU B 232 -9.11 38.37 -34.95
C LEU B 232 -8.96 39.76 -35.60
N SER B 233 -9.11 40.83 -34.80
CA SER B 233 -8.89 42.19 -35.28
C SER B 233 -7.49 42.36 -35.87
N GLU B 234 -6.45 41.85 -35.18
CA GLU B 234 -5.10 41.76 -35.77
C GLU B 234 -5.17 40.95 -37.09
N ILE B 239 -14.58 43.72 -35.14
CA ILE B 239 -15.27 43.24 -33.91
C ILE B 239 -16.36 44.24 -33.55
N ILE B 240 -17.55 44.04 -34.12
CA ILE B 240 -18.63 45.02 -33.99
C ILE B 240 -19.38 44.78 -32.67
N GLY B 241 -19.13 43.65 -32.00
CA GLY B 241 -19.88 43.29 -30.80
C GLY B 241 -18.95 42.92 -29.65
N VAL B 242 -19.53 42.96 -28.44
CA VAL B 242 -18.89 42.45 -27.24
C VAL B 242 -19.96 42.34 -26.15
N SER B 243 -19.74 41.46 -25.19
CA SER B 243 -20.70 41.30 -24.14
C SER B 243 -20.10 40.66 -22.92
N ASP B 244 -20.65 40.99 -21.75
CA ASP B 244 -20.19 40.41 -20.52
C ASP B 244 -21.35 39.77 -19.80
N ILE B 245 -21.17 39.40 -18.53
CA ILE B 245 -22.28 38.88 -17.74
C ILE B 245 -23.07 40.12 -17.41
N GLY B 246 -22.51 41.27 -17.73
CA GLY B 246 -23.25 42.50 -17.55
C GLY B 246 -23.55 43.24 -18.87
N GLY B 247 -23.31 42.58 -20.04
CA GLY B 247 -23.74 43.11 -21.33
C GLY B 247 -22.59 43.60 -22.21
N GLY B 248 -22.90 44.46 -23.19
CA GLY B 248 -21.89 45.03 -24.08
C GLY B 248 -22.45 46.12 -25.01
N VAL B 249 -21.71 46.42 -26.09
CA VAL B 249 -22.08 47.52 -26.99
C VAL B 249 -21.84 47.10 -28.44
N ILE B 250 -22.89 47.28 -29.27
CA ILE B 250 -22.85 47.00 -30.70
C ILE B 250 -22.47 48.30 -31.41
N ASN B 251 -21.24 48.76 -31.17
CA ASN B 251 -20.67 49.89 -31.89
C ASN B 251 -20.21 49.39 -33.26
N GLU B 252 -20.69 50.02 -34.34
CA GLU B 252 -20.47 49.52 -35.70
C GLU B 252 -19.09 49.91 -36.21
N ASN B 253 -18.42 50.86 -35.54
CA ASN B 253 -17.05 51.25 -35.83
C ASN B 253 -16.12 50.04 -35.82
N GLY B 254 -16.35 49.14 -34.86
CA GLY B 254 -15.34 48.20 -34.39
C GLY B 254 -14.69 48.76 -33.13
N ILE B 255 -14.95 48.10 -31.99
CA ILE B 255 -14.58 48.63 -30.68
C ILE B 255 -13.09 48.41 -30.46
N ASP B 256 -12.47 49.23 -29.59
CA ASP B 256 -11.07 49.10 -29.24
C ASP B 256 -10.95 47.96 -28.23
N VAL B 257 -10.23 46.90 -28.63
CA VAL B 257 -10.28 45.62 -27.93
C VAL B 257 -9.46 45.74 -26.64
N ASN B 258 -8.45 46.61 -26.65
CA ASN B 258 -7.57 46.83 -25.51
C ASN B 258 -8.33 47.48 -24.36
N ARG B 259 -8.84 48.70 -24.59
CA ARG B 259 -9.31 49.57 -23.52
C ARG B 259 -10.75 49.23 -23.13
N ALA B 260 -11.29 48.11 -23.64
CA ALA B 260 -12.48 47.48 -23.08
C ALA B 260 -12.12 46.73 -21.79
N LEU B 261 -10.84 46.32 -21.69
CA LEU B 261 -10.29 45.65 -20.52
C LEU B 261 -10.04 46.68 -19.40
N GLU B 262 -9.81 47.95 -19.79
CA GLU B 262 -9.57 49.02 -18.85
C GLU B 262 -10.87 49.44 -18.15
N VAL B 263 -12.02 49.10 -18.76
CA VAL B 263 -13.35 49.38 -18.18
C VAL B 263 -13.78 48.23 -17.26
N VAL B 264 -13.11 47.07 -17.37
CA VAL B 264 -13.28 45.98 -16.42
C VAL B 264 -12.03 45.95 -15.52
N GLU B 282 -29.29 38.87 -24.60
CA GLU B 282 -30.20 38.37 -25.68
C GLU B 282 -29.99 39.18 -26.97
N GLU B 283 -29.71 40.48 -26.83
CA GLU B 283 -29.60 41.40 -27.97
C GLU B 283 -28.41 41.04 -28.85
N LEU B 284 -27.28 40.68 -28.23
CA LEU B 284 -26.02 40.48 -28.92
C LEU B 284 -26.08 39.28 -29.86
N LEU B 285 -26.79 38.23 -29.42
CA LEU B 285 -26.93 36.98 -30.16
C LEU B 285 -27.77 37.23 -31.42
N ILE B 286 -28.93 37.87 -31.21
CA ILE B 286 -29.91 38.16 -32.25
C ILE B 286 -29.36 39.18 -33.24
N SER B 287 -28.23 39.82 -32.89
CA SER B 287 -27.71 40.95 -33.62
C SER B 287 -27.17 40.54 -34.99
N ASP B 288 -26.77 41.55 -35.77
CA ASP B 288 -26.52 41.44 -37.20
C ASP B 288 -25.02 41.46 -37.48
N CYS B 289 -24.48 40.28 -37.88
CA CYS B 289 -23.05 40.07 -38.01
C CYS B 289 -22.80 38.96 -39.04
N ASP B 290 -21.51 38.72 -39.34
CA ASP B 290 -21.11 37.62 -40.23
C ASP B 290 -20.64 36.41 -39.43
N ILE B 291 -19.87 36.65 -38.34
CA ILE B 291 -19.48 35.60 -37.39
C ILE B 291 -19.97 36.00 -36.00
N LEU B 292 -20.61 35.03 -35.30
CA LEU B 292 -20.99 35.18 -33.89
C LEU B 292 -20.26 34.09 -33.09
N ILE B 293 -19.56 34.52 -32.02
CA ILE B 293 -18.66 33.65 -31.26
C ILE B 293 -19.09 33.61 -29.79
N PRO B 294 -19.96 32.64 -29.37
CA PRO B 294 -20.32 32.48 -27.96
C PRO B 294 -19.13 32.04 -27.11
N ALA B 295 -18.74 32.88 -26.14
CA ALA B 295 -17.51 32.66 -25.41
C ALA B 295 -17.77 32.40 -23.92
N ALA B 296 -19.04 32.12 -23.55
CA ALA B 296 -19.43 32.06 -22.14
C ALA B 296 -20.00 30.65 -21.78
N ASN B 302 -30.89 28.68 -27.81
CA ASN B 302 -31.99 27.69 -27.75
C ASN B 302 -32.91 27.86 -28.96
N LYS B 303 -33.73 26.82 -29.20
CA LYS B 303 -34.73 26.80 -30.26
C LYS B 303 -35.52 28.11 -30.32
N PHE B 304 -35.73 28.74 -29.16
CA PHE B 304 -36.53 29.96 -29.07
C PHE B 304 -35.85 31.09 -29.85
N ASN B 305 -34.60 31.43 -29.49
CA ASN B 305 -33.93 32.59 -30.08
C ASN B 305 -32.96 32.13 -31.17
N ALA B 306 -33.14 30.89 -31.65
CA ALA B 306 -32.24 30.28 -32.61
C ALA B 306 -32.56 30.76 -34.03
N PRO B 307 -33.83 30.77 -34.42
CA PRO B 307 -34.05 31.23 -35.78
C PRO B 307 -33.94 32.75 -35.98
N LYS B 308 -33.14 33.46 -35.17
CA LYS B 308 -33.07 34.93 -35.28
C LYS B 308 -31.68 35.49 -35.42
N VAL B 309 -30.68 34.74 -34.98
CA VAL B 309 -29.31 35.18 -35.16
C VAL B 309 -29.08 35.46 -36.62
N ARG B 310 -28.41 36.57 -36.91
CA ARG B 310 -28.16 36.92 -38.30
C ARG B 310 -26.77 36.46 -38.74
N ALA B 311 -26.01 35.86 -37.80
CA ALA B 311 -24.68 35.35 -38.10
C ALA B 311 -24.79 34.13 -39.01
N LYS B 312 -23.99 34.11 -40.09
CA LYS B 312 -23.95 32.98 -41.04
C LYS B 312 -22.68 32.16 -40.85
N LEU B 313 -22.10 32.21 -39.63
CA LEU B 313 -20.89 31.47 -39.28
C LEU B 313 -20.72 31.52 -37.76
N ILE B 314 -20.90 30.35 -37.10
CA ILE B 314 -20.77 30.22 -35.65
C ILE B 314 -19.43 29.55 -35.36
N VAL B 315 -18.62 30.16 -34.46
CA VAL B 315 -17.36 29.59 -33.98
C VAL B 315 -17.49 29.41 -32.47
N GLU B 316 -17.91 28.21 -32.04
CA GLU B 316 -18.25 27.95 -30.65
C GLU B 316 -17.00 28.03 -29.75
N GLY B 317 -16.92 29.11 -28.97
CA GLY B 317 -15.75 29.42 -28.14
C GLY B 317 -15.75 28.70 -26.80
N ALA B 318 -16.93 28.30 -26.29
CA ALA B 318 -17.05 27.49 -25.10
C ALA B 318 -17.75 26.17 -25.42
N ASN B 319 -17.94 25.33 -24.43
CA ASN B 319 -18.62 24.07 -24.65
C ASN B 319 -20.11 24.30 -24.67
N GLY B 320 -20.84 23.52 -25.45
CA GLY B 320 -22.28 23.63 -25.52
C GLY B 320 -22.96 24.96 -25.72
N PRO B 321 -22.49 25.75 -26.68
CA PRO B 321 -23.13 27.03 -26.98
C PRO B 321 -24.46 26.89 -27.74
N LEU B 322 -24.78 25.70 -28.24
CA LEU B 322 -26.02 25.44 -28.98
C LEU B 322 -26.72 24.25 -28.30
N THR B 323 -28.00 24.02 -28.65
CA THR B 323 -28.75 22.89 -28.14
C THR B 323 -28.99 21.89 -29.27
N ALA B 324 -29.54 20.71 -28.92
CA ALA B 324 -29.80 19.65 -29.88
C ALA B 324 -30.88 20.08 -30.88
N ASP B 325 -31.70 21.06 -30.50
CA ASP B 325 -32.69 21.66 -31.40
C ASP B 325 -32.04 22.70 -32.29
N ALA B 326 -31.14 23.52 -31.70
CA ALA B 326 -30.66 24.75 -32.31
C ALA B 326 -29.61 24.46 -33.38
N ASP B 327 -29.18 23.19 -33.48
CA ASP B 327 -28.44 22.71 -34.64
C ASP B 327 -29.44 22.33 -35.73
N GLU B 328 -30.54 21.64 -35.38
CA GLU B 328 -31.61 21.37 -36.33
C GLU B 328 -31.94 22.66 -37.07
N ILE B 329 -32.09 23.74 -36.30
CA ILE B 329 -32.57 25.02 -36.81
C ILE B 329 -31.44 25.69 -37.60
N MET B 330 -30.18 25.61 -37.12
CA MET B 330 -29.06 26.19 -37.82
C MET B 330 -28.78 25.40 -39.11
N LYS B 331 -28.93 24.08 -39.06
CA LYS B 331 -28.68 23.24 -40.23
C LYS B 331 -29.73 23.55 -41.29
N GLN B 332 -31.02 23.43 -40.93
CA GLN B 332 -32.13 23.78 -41.82
C GLN B 332 -31.85 25.15 -42.45
N ARG B 333 -31.49 26.13 -41.62
CA ARG B 333 -31.37 27.52 -42.05
C ARG B 333 -30.11 27.75 -42.89
N GLY B 334 -29.22 26.74 -43.00
CA GLY B 334 -28.11 26.79 -43.94
C GLY B 334 -26.93 27.59 -43.41
N VAL B 335 -26.87 27.74 -42.08
CA VAL B 335 -25.87 28.55 -41.42
C VAL B 335 -24.86 27.62 -40.73
N ILE B 336 -23.58 27.75 -41.14
CA ILE B 336 -22.50 26.86 -40.77
C ILE B 336 -22.15 27.08 -39.29
N VAL B 337 -22.10 25.98 -38.51
CA VAL B 337 -21.78 25.97 -37.07
C VAL B 337 -20.52 25.13 -36.85
N ILE B 338 -19.42 25.79 -36.43
CA ILE B 338 -18.17 25.12 -36.11
C ILE B 338 -18.17 24.78 -34.61
N PRO B 339 -18.17 23.48 -34.22
CA PRO B 339 -18.55 23.10 -32.86
C PRO B 339 -17.48 23.23 -31.78
N ASP B 340 -17.90 22.91 -30.56
CA ASP B 340 -17.10 22.99 -29.35
C ASP B 340 -15.79 22.21 -29.53
N ILE B 341 -15.94 20.94 -29.90
CA ILE B 341 -14.88 19.95 -29.82
C ILE B 341 -13.65 20.38 -30.62
N LEU B 342 -13.79 21.35 -31.54
CA LEU B 342 -12.67 21.79 -32.37
C LEU B 342 -12.30 23.23 -32.09
N ALA B 343 -13.31 24.10 -31.98
CA ALA B 343 -13.06 25.55 -31.95
C ALA B 343 -12.52 25.98 -30.59
N ASN B 344 -12.90 25.27 -29.51
CA ASN B 344 -12.54 25.64 -28.15
C ASN B 344 -11.28 24.90 -27.66
N ALA B 345 -10.68 24.08 -28.54
CA ALA B 345 -9.71 23.09 -28.09
C ALA B 345 -8.28 23.56 -28.35
N GLY B 346 -8.13 24.87 -28.59
CA GLY B 346 -6.82 25.51 -28.56
C GLY B 346 -6.12 25.33 -27.21
N GLY B 347 -6.89 25.00 -26.15
CA GLY B 347 -6.35 24.79 -24.82
C GLY B 347 -5.63 23.44 -24.69
N VAL B 348 -6.29 22.35 -25.10
CA VAL B 348 -5.70 21.02 -25.03
C VAL B 348 -4.52 20.91 -26.02
N VAL B 349 -4.59 21.67 -27.13
CA VAL B 349 -3.48 21.77 -28.08
C VAL B 349 -2.35 22.53 -27.42
N GLY B 350 -2.72 23.48 -26.56
CA GLY B 350 -1.75 24.30 -25.85
C GLY B 350 -0.97 23.46 -24.85
N SER B 351 -1.69 22.52 -24.23
CA SER B 351 -1.13 21.61 -23.25
C SER B 351 -0.31 20.53 -23.95
N TYR B 352 -0.69 20.19 -25.18
CA TYR B 352 0.13 19.29 -25.98
C TYR B 352 1.48 19.96 -26.20
N VAL B 353 1.45 21.22 -26.66
CA VAL B 353 2.67 21.95 -26.96
C VAL B 353 3.50 22.14 -25.67
N GLU B 354 2.84 22.29 -24.53
CA GLU B 354 3.51 22.32 -23.24
C GLU B 354 4.22 21.00 -22.96
N TRP B 355 3.50 19.91 -23.25
CA TRP B 355 4.00 18.55 -23.11
C TRP B 355 5.18 18.38 -24.05
N ALA B 356 4.96 18.70 -25.33
CA ALA B 356 6.03 18.62 -26.33
C ALA B 356 7.25 19.42 -25.86
N ASN B 357 7.01 20.58 -25.28
CA ASN B 357 8.09 21.48 -24.90
C ASN B 357 8.91 20.81 -23.80
N ASN B 358 8.24 20.27 -22.79
CA ASN B 358 8.93 19.64 -21.68
C ASN B 358 9.86 18.54 -22.18
N ARG B 359 9.42 17.76 -23.17
CA ARG B 359 10.16 16.60 -23.61
C ARG B 359 11.35 17.01 -24.46
N SER B 360 11.20 18.15 -25.16
CA SER B 360 12.28 18.71 -25.97
C SER B 360 13.28 19.50 -25.14
N GLY B 361 13.00 19.68 -23.83
CA GLY B 361 13.89 20.38 -22.92
C GLY B 361 13.51 21.84 -22.70
N GLY B 362 12.29 22.23 -23.06
CA GLY B 362 11.81 23.59 -22.82
C GLY B 362 12.44 24.62 -23.77
N ILE B 363 12.85 24.17 -24.96
CA ILE B 363 13.50 25.04 -25.93
C ILE B 363 12.47 25.74 -26.82
N ILE B 364 11.21 25.27 -26.89
CA ILE B 364 10.25 25.83 -27.84
C ILE B 364 9.94 27.27 -27.43
N SER B 365 10.17 28.22 -28.35
CA SER B 365 9.90 29.63 -28.10
C SER B 365 8.40 29.90 -28.15
N ASP B 366 7.97 31.05 -27.61
CA ASP B 366 6.56 31.41 -27.62
C ASP B 366 6.10 31.63 -29.06
N GLU B 367 7.01 32.16 -29.87
CA GLU B 367 6.78 32.34 -31.29
C GLU B 367 6.44 30.99 -31.92
N GLU B 368 7.28 29.98 -31.67
CA GLU B 368 7.15 28.66 -32.27
C GLU B 368 5.95 27.89 -31.72
N ALA B 369 5.61 28.11 -30.44
CA ALA B 369 4.45 27.45 -29.82
C ALA B 369 3.15 28.00 -30.40
N LYS B 370 3.11 29.32 -30.64
CA LYS B 370 1.96 29.98 -31.25
C LYS B 370 1.64 29.30 -32.58
N LYS B 371 2.68 29.11 -33.40
CA LYS B 371 2.57 28.62 -34.77
C LYS B 371 2.13 27.15 -34.76
N LEU B 372 2.52 26.41 -33.70
CA LEU B 372 2.19 25.01 -33.52
C LEU B 372 0.70 24.84 -33.18
N ILE B 373 0.11 25.81 -32.48
CA ILE B 373 -1.31 25.77 -32.18
C ILE B 373 -2.07 25.92 -33.50
N VAL B 374 -1.72 26.97 -34.27
CA VAL B 374 -2.38 27.33 -35.52
C VAL B 374 -2.21 26.22 -36.55
N ASP B 375 -1.01 25.65 -36.64
CA ASP B 375 -0.79 24.49 -37.50
C ASP B 375 -1.71 23.34 -37.08
N ARG B 376 -1.82 23.08 -35.78
CA ARG B 376 -2.58 21.94 -35.28
C ARG B 376 -4.09 22.21 -35.33
N MET B 377 -4.50 23.48 -35.37
CA MET B 377 -5.91 23.84 -35.46
C MET B 377 -6.34 23.93 -36.93
N ILE B 378 -5.42 24.28 -37.85
CA ILE B 378 -5.70 24.33 -39.29
C ILE B 378 -5.77 22.92 -39.85
N ASN B 379 -4.69 22.14 -39.68
CA ASN B 379 -4.59 20.74 -40.10
C ASN B 379 -5.85 19.95 -39.74
N ALA B 380 -6.31 20.10 -38.48
CA ALA B 380 -7.43 19.35 -37.94
C ALA B 380 -8.77 19.77 -38.56
N PHE B 381 -8.87 21.04 -38.98
CA PHE B 381 -10.09 21.58 -39.57
C PHE B 381 -10.17 21.30 -41.07
N ASN B 382 -8.99 21.15 -41.71
CA ASN B 382 -8.90 20.82 -43.13
C ASN B 382 -9.12 19.32 -43.34
N THR B 383 -8.83 18.49 -42.33
CA THR B 383 -9.19 17.08 -42.39
C THR B 383 -10.69 16.93 -42.15
N LEU B 384 -11.30 17.86 -41.40
CA LEU B 384 -12.73 17.88 -41.12
C LEU B 384 -13.50 18.57 -42.25
N TYR B 385 -12.79 19.24 -43.16
CA TYR B 385 -13.41 19.78 -44.37
C TYR B 385 -13.39 18.74 -45.48
N ASP B 386 -12.33 17.90 -45.47
CA ASP B 386 -12.05 16.95 -46.54
C ASP B 386 -12.84 15.65 -46.30
N PHE B 387 -13.04 15.27 -45.02
CA PHE B 387 -13.90 14.15 -44.66
C PHE B 387 -15.35 14.56 -44.92
N HIS B 388 -15.68 15.84 -44.68
CA HIS B 388 -17.03 16.35 -44.81
C HIS B 388 -17.56 16.31 -46.24
N LYS B 389 -16.65 16.41 -47.23
CA LYS B 389 -17.00 16.41 -48.63
C LYS B 389 -17.15 14.99 -49.16
N ARG B 390 -16.10 14.17 -48.93
CA ARG B 390 -16.03 12.83 -49.49
C ARG B 390 -17.13 11.92 -48.94
N LYS B 391 -17.69 12.26 -47.78
CA LYS B 391 -18.82 11.54 -47.21
C LYS B 391 -19.50 12.41 -46.14
N PHE B 392 -20.69 11.98 -45.71
CA PHE B 392 -21.46 12.73 -44.73
C PHE B 392 -21.53 14.21 -45.12
N ALA B 393 -21.92 14.49 -46.38
CA ALA B 393 -22.26 15.86 -46.78
C ALA B 393 -23.59 16.27 -46.12
N ASP B 394 -24.51 15.31 -45.98
CA ASP B 394 -25.83 15.52 -45.41
C ASP B 394 -25.79 16.05 -43.96
N GLN B 395 -24.64 15.88 -43.29
CA GLN B 395 -24.65 15.91 -41.84
C GLN B 395 -23.96 17.14 -41.26
N ASP B 396 -24.40 17.43 -40.03
CA ASP B 396 -23.91 18.53 -39.21
C ASP B 396 -22.41 18.31 -38.91
N LEU B 397 -21.71 19.41 -38.63
CA LEU B 397 -20.26 19.38 -38.43
C LEU B 397 -19.90 18.83 -37.05
N ARG B 398 -20.80 18.93 -36.06
CA ARG B 398 -20.58 18.29 -34.78
C ARG B 398 -20.56 16.77 -34.93
N THR B 399 -21.63 16.24 -35.54
CA THR B 399 -21.77 14.80 -35.77
C THR B 399 -20.63 14.30 -36.65
N VAL B 400 -20.21 15.10 -37.64
CA VAL B 400 -19.17 14.65 -38.57
C VAL B 400 -17.82 14.66 -37.86
N ALA B 401 -17.60 15.65 -37.01
CA ALA B 401 -16.37 15.77 -36.26
C ALA B 401 -16.17 14.53 -35.39
N MET B 402 -17.16 14.24 -34.54
CA MET B 402 -17.04 13.15 -33.60
C MET B 402 -17.03 11.81 -34.33
N ALA B 403 -17.64 11.77 -35.53
CA ALA B 403 -17.53 10.60 -36.39
C ALA B 403 -16.06 10.37 -36.69
N LEU B 404 -15.39 11.40 -37.20
CA LEU B 404 -14.00 11.31 -37.60
C LEU B 404 -13.13 10.97 -36.39
N ALA B 405 -13.50 11.51 -35.23
CA ALA B 405 -12.86 11.20 -33.96
C ALA B 405 -12.90 9.70 -33.68
N VAL B 406 -14.06 9.08 -33.89
CA VAL B 406 -14.22 7.67 -33.60
C VAL B 406 -13.54 6.84 -34.69
N ASP B 407 -13.66 7.28 -35.95
CA ASP B 407 -13.07 6.58 -37.08
C ASP B 407 -11.54 6.47 -36.91
N ARG B 408 -10.89 7.56 -36.47
CA ARG B 408 -9.46 7.56 -36.24
C ARG B 408 -9.08 6.61 -35.10
N VAL B 409 -9.90 6.54 -34.04
CA VAL B 409 -9.60 5.68 -32.89
C VAL B 409 -9.76 4.22 -33.27
N VAL B 410 -10.92 3.87 -33.82
CA VAL B 410 -11.17 2.51 -34.23
C VAL B 410 -10.09 2.07 -35.21
N GLY B 411 -9.67 2.97 -36.11
CA GLY B 411 -8.62 2.66 -37.08
C GLY B 411 -7.30 2.30 -36.41
N ALA B 412 -6.89 3.09 -35.41
CA ALA B 412 -5.68 2.83 -34.64
C ALA B 412 -5.77 1.50 -33.89
N MET B 413 -6.96 1.19 -33.35
CA MET B 413 -7.19 -0.02 -32.56
C MET B 413 -7.12 -1.25 -33.47
N LYS B 414 -7.74 -1.16 -34.65
CA LYS B 414 -7.64 -2.22 -35.64
C LYS B 414 -6.17 -2.54 -35.94
N ALA B 415 -5.34 -1.50 -36.11
CA ALA B 415 -3.95 -1.68 -36.51
C ALA B 415 -3.14 -2.34 -35.39
N ARG B 416 -3.55 -2.10 -34.14
CA ARG B 416 -2.92 -2.70 -32.98
C ARG B 416 -3.56 -4.03 -32.61
N GLY B 417 -4.63 -4.44 -33.31
CA GLY B 417 -5.27 -5.74 -33.12
C GLY B 417 -6.15 -5.77 -31.87
N LEU B 418 -6.78 -4.62 -31.56
CA LEU B 418 -7.54 -4.44 -30.34
C LEU B 418 -9.05 -4.56 -30.62
N LEU B 419 -9.42 -4.46 -31.90
CA LEU B 419 -10.67 -5.03 -32.37
C LEU B 419 -10.58 -5.18 -33.88
N ASN C 8 -25.09 -4.29 -2.14
CA ASN C 8 -25.93 -4.81 -1.01
C ASN C 8 -25.18 -5.70 -0.03
N LEU C 9 -24.27 -6.56 -0.52
CA LEU C 9 -23.20 -7.02 0.37
C LEU C 9 -22.48 -5.82 0.99
N LEU C 10 -22.24 -4.76 0.18
CA LEU C 10 -21.54 -3.56 0.65
C LEU C 10 -22.35 -2.98 1.81
N VAL C 11 -23.62 -2.69 1.54
CA VAL C 11 -24.55 -2.13 2.52
C VAL C 11 -24.51 -2.96 3.79
N GLN C 12 -24.69 -4.27 3.67
CA GLN C 12 -24.68 -5.14 4.83
C GLN C 12 -23.38 -5.03 5.61
N GLN C 13 -22.24 -5.12 4.91
CA GLN C 13 -20.94 -5.21 5.54
C GLN C 13 -20.59 -3.88 6.19
N VAL C 14 -21.00 -2.78 5.56
CA VAL C 14 -20.86 -1.48 6.18
C VAL C 14 -21.68 -1.40 7.47
N LYS C 15 -22.90 -1.99 7.55
CA LYS C 15 -23.75 -1.88 8.73
C LYS C 15 -23.10 -2.63 9.87
N LYS C 16 -22.53 -3.79 9.53
CA LYS C 16 -21.87 -4.65 10.50
C LYS C 16 -20.65 -3.93 11.07
N LEU C 17 -19.94 -3.18 10.21
CA LEU C 17 -18.81 -2.40 10.65
C LEU C 17 -19.21 -1.25 11.57
N TYR C 18 -20.35 -0.58 11.31
CA TYR C 18 -20.80 0.51 12.18
C TYR C 18 -21.25 -0.07 13.51
N LYS C 19 -22.02 -1.15 13.47
CA LYS C 19 -22.44 -1.84 14.67
C LYS C 19 -21.22 -1.97 15.58
N VAL C 20 -20.11 -2.53 15.07
CA VAL C 20 -18.95 -2.86 15.91
C VAL C 20 -18.15 -1.59 16.23
N GLY C 21 -18.08 -0.64 15.29
CA GLY C 21 -17.40 0.63 15.50
C GLY C 21 -17.94 1.40 16.71
N GLU C 22 -19.27 1.49 16.82
CA GLU C 22 -19.90 2.24 17.89
C GLU C 22 -19.61 1.54 19.20
N LEU C 23 -19.77 0.21 19.21
CA LEU C 23 -19.33 -0.57 20.36
C LEU C 23 -17.89 -0.21 20.74
N LEU C 24 -16.98 -0.08 19.77
CA LEU C 24 -15.57 0.15 20.05
C LEU C 24 -15.32 1.58 20.54
N GLY C 25 -16.28 2.48 20.33
CA GLY C 25 -16.09 3.89 20.66
C GLY C 25 -15.30 4.66 19.58
N LEU C 26 -15.50 4.32 18.30
CA LEU C 26 -14.79 5.01 17.22
C LEU C 26 -15.68 6.14 16.68
N ASP C 27 -15.06 7.28 16.36
CA ASP C 27 -15.78 8.37 15.71
C ASP C 27 -16.32 7.84 14.40
N SER C 28 -17.45 8.38 13.95
CA SER C 28 -17.98 8.04 12.65
C SER C 28 -17.02 8.45 11.52
N GLU C 29 -16.07 9.36 11.82
CA GLU C 29 -15.08 9.79 10.84
C GLU C 29 -14.06 8.67 10.62
N THR C 30 -13.68 8.00 11.72
CA THR C 30 -12.77 6.86 11.72
C THR C 30 -13.43 5.69 10.99
N ILE C 31 -14.66 5.38 11.35
CA ILE C 31 -15.37 4.29 10.71
C ILE C 31 -15.52 4.61 9.22
N ASP C 32 -15.77 5.87 8.84
CA ASP C 32 -15.79 6.27 7.43
C ASP C 32 -14.50 5.87 6.70
N VAL C 33 -13.36 6.10 7.35
CA VAL C 33 -12.07 5.75 6.76
C VAL C 33 -11.97 4.23 6.62
N LEU C 34 -12.23 3.49 7.71
CA LEU C 34 -12.20 2.03 7.67
C LEU C 34 -13.15 1.52 6.59
N SER C 35 -14.33 2.10 6.53
CA SER C 35 -15.36 1.59 5.63
C SER C 35 -14.88 1.57 4.16
N GLN C 36 -14.18 2.60 3.72
CA GLN C 36 -13.98 2.81 2.30
C GLN C 36 -12.69 2.11 1.88
N PRO C 37 -12.66 1.57 0.64
CA PRO C 37 -11.46 0.92 0.12
C PRO C 37 -10.45 2.01 -0.23
N GLU C 38 -9.16 1.73 0.00
CA GLU C 38 -8.12 2.69 -0.34
C GLU C 38 -8.09 2.89 -1.85
N ARG C 39 -8.23 1.79 -2.60
CA ARG C 39 -8.18 1.90 -4.06
C ARG C 39 -9.05 0.82 -4.71
N VAL C 40 -9.73 1.23 -5.76
CA VAL C 40 -10.53 0.32 -6.56
C VAL C 40 -10.22 0.59 -8.03
N MET C 41 -9.93 -0.49 -8.76
CA MET C 41 -9.79 -0.41 -10.20
C MET C 41 -10.91 -1.22 -10.86
N GLN C 42 -11.51 -0.62 -11.90
CA GLN C 42 -12.34 -1.32 -12.85
C GLN C 42 -11.61 -1.31 -14.18
N VAL C 43 -11.68 -2.41 -14.95
CA VAL C 43 -10.99 -2.55 -16.23
C VAL C 43 -11.89 -3.22 -17.25
N LYS C 44 -11.71 -2.85 -18.52
CA LYS C 44 -12.53 -3.39 -19.61
C LYS C 44 -11.73 -4.47 -20.32
N ILE C 45 -12.32 -5.66 -20.40
CA ILE C 45 -11.68 -6.82 -21.00
C ILE C 45 -12.44 -7.22 -22.25
N GLN C 46 -11.75 -7.23 -23.40
CA GLN C 46 -12.35 -7.60 -24.68
C GLN C 46 -11.86 -8.97 -25.11
N ILE C 47 -12.80 -9.81 -25.54
CA ILE C 47 -12.59 -11.23 -25.80
C ILE C 47 -13.13 -11.50 -27.21
N ARG C 48 -12.34 -12.21 -28.02
CA ARG C 48 -12.70 -12.58 -29.38
C ARG C 48 -13.05 -14.07 -29.40
N SER C 49 -14.32 -14.38 -29.67
CA SER C 49 -14.80 -15.75 -29.72
C SER C 49 -14.14 -16.46 -30.90
N SER C 50 -14.32 -17.78 -30.99
CA SER C 50 -13.73 -18.54 -32.08
C SER C 50 -14.35 -18.18 -33.43
N ASP C 51 -15.57 -17.62 -33.43
CA ASP C 51 -16.28 -17.23 -34.64
C ASP C 51 -16.01 -15.77 -34.99
N GLY C 52 -15.20 -15.05 -34.18
CA GLY C 52 -14.89 -13.65 -34.42
C GLY C 52 -15.85 -12.65 -33.75
N LYS C 53 -16.84 -13.14 -32.98
CA LYS C 53 -17.69 -12.28 -32.16
C LYS C 53 -16.87 -11.66 -31.04
N LEU C 54 -17.01 -10.35 -30.84
CA LEU C 54 -16.29 -9.61 -29.83
C LEU C 54 -17.21 -9.47 -28.62
N ARG C 55 -16.75 -9.90 -27.44
CA ARG C 55 -17.48 -9.66 -26.21
C ARG C 55 -16.56 -8.90 -25.25
N THR C 56 -17.09 -7.86 -24.61
CA THR C 56 -16.31 -7.13 -23.62
C THR C 56 -16.95 -7.37 -22.26
N PHE C 57 -16.09 -7.50 -21.23
CA PHE C 57 -16.49 -7.80 -19.86
C PHE C 57 -15.76 -6.86 -18.91
N ILE C 58 -16.44 -6.51 -17.81
CA ILE C 58 -15.90 -5.60 -16.82
C ILE C 58 -15.45 -6.40 -15.60
N GLY C 59 -14.26 -6.08 -15.10
CA GLY C 59 -13.78 -6.63 -13.85
C GLY C 59 -13.32 -5.54 -12.89
N TRP C 60 -13.17 -5.93 -11.63
CA TRP C 60 -12.76 -5.02 -10.56
C TRP C 60 -11.69 -5.68 -9.72
N ARG C 61 -10.83 -4.80 -9.17
CA ARG C 61 -9.94 -5.18 -8.08
C ARG C 61 -10.13 -4.09 -7.05
N SER C 62 -10.55 -4.53 -5.85
CA SER C 62 -10.78 -3.65 -4.72
C SER C 62 -9.70 -3.93 -3.68
N GLN C 63 -8.98 -2.85 -3.37
CA GLN C 63 -7.83 -2.84 -2.49
C GLN C 63 -8.29 -2.03 -1.29
N HIS C 64 -8.78 -2.75 -0.28
CA HIS C 64 -9.64 -2.14 0.71
C HIS C 64 -8.80 -1.41 1.75
N ASN C 65 -7.81 -2.13 2.27
CA ASN C 65 -7.03 -1.64 3.38
C ASN C 65 -5.67 -2.32 3.41
N SER C 66 -4.59 -1.55 3.64
CA SER C 66 -3.24 -2.10 3.60
C SER C 66 -2.45 -1.70 4.85
N ALA C 67 -3.14 -1.50 5.97
CA ALA C 67 -2.51 -1.13 7.22
C ALA C 67 -1.57 -2.23 7.68
N LEU C 68 -2.01 -3.49 7.57
CA LEU C 68 -1.32 -4.59 8.21
C LEU C 68 -0.36 -5.26 7.24
N GLY C 69 -0.36 -4.79 5.98
CA GLY C 69 0.46 -5.38 4.94
C GLY C 69 -0.13 -5.20 3.53
N PRO C 70 0.39 -5.93 2.52
CA PRO C 70 -0.11 -5.79 1.14
C PRO C 70 -1.49 -6.41 1.04
N TYR C 71 -2.28 -5.98 0.04
CA TYR C 71 -3.65 -6.48 -0.05
C TYR C 71 -3.63 -7.97 -0.38
N LYS C 72 -4.65 -8.68 0.07
CA LYS C 72 -4.77 -10.11 -0.16
C LYS C 72 -6.21 -10.49 -0.43
N GLY C 73 -6.42 -11.40 -1.39
CA GLY C 73 -7.70 -12.09 -1.48
C GLY C 73 -8.06 -12.51 -2.90
N GLY C 74 -9.12 -13.34 -2.99
CA GLY C 74 -9.48 -14.04 -4.20
C GLY C 74 -10.14 -13.18 -5.26
N VAL C 75 -10.34 -13.80 -6.43
CA VAL C 75 -11.06 -13.23 -7.57
C VAL C 75 -12.24 -14.15 -7.89
N ARG C 76 -13.49 -13.64 -7.92
CA ARG C 76 -14.59 -14.48 -8.36
C ARG C 76 -15.07 -14.05 -9.76
N TYR C 77 -15.33 -15.08 -10.59
CA TYR C 77 -16.02 -14.92 -11.85
C TYR C 77 -17.49 -15.28 -11.67
N GLY C 78 -18.41 -14.41 -12.12
CA GLY C 78 -19.83 -14.70 -11.99
C GLY C 78 -20.71 -13.67 -12.71
N PRO C 79 -21.88 -14.08 -13.26
CA PRO C 79 -22.77 -13.13 -13.94
C PRO C 79 -23.37 -11.97 -13.12
N ASN C 80 -23.32 -12.10 -11.78
CA ASN C 80 -23.94 -11.11 -10.90
C ASN C 80 -22.89 -10.37 -10.09
N VAL C 81 -21.59 -10.54 -10.38
CA VAL C 81 -20.61 -9.82 -9.58
C VAL C 81 -20.69 -8.34 -9.98
N THR C 82 -20.32 -7.48 -9.05
CA THR C 82 -20.61 -6.08 -9.15
C THR C 82 -19.47 -5.38 -8.42
N GLN C 83 -19.23 -4.10 -8.73
CA GLN C 83 -18.16 -3.34 -8.08
C GLN C 83 -18.41 -3.41 -6.59
N ASP C 84 -19.66 -3.16 -6.19
CA ASP C 84 -20.01 -3.06 -4.77
C ASP C 84 -19.77 -4.38 -4.03
N GLU C 85 -19.98 -5.55 -4.66
CA GLU C 85 -19.82 -6.77 -3.89
C GLU C 85 -18.33 -7.07 -3.74
N VAL C 86 -17.53 -6.85 -4.79
CA VAL C 86 -16.09 -7.09 -4.66
C VAL C 86 -15.48 -6.16 -3.61
N ILE C 87 -15.90 -4.90 -3.57
CA ILE C 87 -15.51 -4.02 -2.49
C ILE C 87 -15.94 -4.59 -1.14
N ALA C 88 -17.15 -5.13 -1.03
CA ALA C 88 -17.62 -5.71 0.23
C ALA C 88 -16.80 -6.95 0.60
N LEU C 89 -16.40 -7.73 -0.41
CA LEU C 89 -15.60 -8.92 -0.14
C LEU C 89 -14.18 -8.53 0.26
N SER C 90 -13.73 -7.35 -0.23
CA SER C 90 -12.51 -6.68 0.21
C SER C 90 -12.54 -6.54 1.72
N MET C 91 -13.65 -5.97 2.20
CA MET C 91 -13.79 -5.57 3.59
C MET C 91 -13.55 -6.78 4.47
N ILE C 92 -14.18 -7.89 4.08
CA ILE C 92 -14.18 -9.05 4.94
C ILE C 92 -12.77 -9.62 4.93
N MET C 93 -12.03 -9.45 3.83
CA MET C 93 -10.63 -9.88 3.80
C MET C 93 -9.84 -9.11 4.85
N THR C 94 -9.98 -7.78 4.84
CA THR C 94 -9.27 -6.98 5.82
C THR C 94 -9.43 -7.59 7.21
N TRP C 95 -10.67 -7.89 7.63
CA TRP C 95 -10.97 -8.33 8.98
C TRP C 95 -10.44 -9.75 9.24
N LYS C 96 -10.54 -10.59 8.21
CA LYS C 96 -10.11 -11.98 8.23
C LYS C 96 -8.59 -12.03 8.42
N ASN C 97 -7.88 -11.19 7.66
CA ASN C 97 -6.42 -11.11 7.69
C ASN C 97 -5.96 -10.51 9.02
N SER C 98 -6.66 -9.48 9.49
CA SER C 98 -6.42 -8.91 10.81
C SER C 98 -6.72 -9.92 11.91
N LEU C 99 -7.87 -10.61 11.87
CA LEU C 99 -8.18 -11.52 12.97
C LEU C 99 -7.11 -12.59 13.08
N LEU C 100 -6.52 -13.00 11.95
CA LEU C 100 -5.58 -14.11 12.01
C LEU C 100 -4.13 -13.66 11.94
N LEU C 101 -3.89 -12.36 12.14
CA LEU C 101 -2.55 -11.90 12.45
C LEU C 101 -1.66 -12.16 11.24
N LEU C 102 -2.21 -11.95 10.03
CA LEU C 102 -1.44 -12.14 8.82
C LEU C 102 -0.94 -10.78 8.36
N PRO C 103 0.30 -10.69 7.84
CA PRO C 103 0.83 -9.43 7.33
C PRO C 103 0.22 -9.03 6.00
N TYR C 104 -1.12 -8.94 5.97
CA TYR C 104 -1.90 -8.85 4.74
C TYR C 104 -3.04 -7.87 5.00
N GLY C 105 -3.26 -6.93 4.07
CA GLY C 105 -4.48 -6.16 4.04
C GLY C 105 -5.59 -6.92 3.32
N GLY C 106 -6.66 -6.20 3.00
CA GLY C 106 -7.82 -6.80 2.36
C GLY C 106 -7.98 -6.35 0.90
N GLY C 107 -8.20 -7.33 0.04
CA GLY C 107 -8.52 -7.05 -1.34
C GLY C 107 -9.31 -8.22 -1.91
N LYS C 108 -9.97 -7.98 -3.05
CA LYS C 108 -10.67 -9.02 -3.77
C LYS C 108 -10.85 -8.53 -5.18
N GLY C 109 -11.08 -9.48 -6.08
CA GLY C 109 -11.36 -9.15 -7.46
C GLY C 109 -12.64 -9.85 -7.90
N GLY C 110 -13.20 -9.36 -9.01
CA GLY C 110 -14.35 -9.99 -9.63
C GLY C 110 -14.44 -9.63 -11.11
N ILE C 111 -15.03 -10.53 -11.91
CA ILE C 111 -15.36 -10.22 -13.29
C ILE C 111 -16.84 -10.54 -13.49
N ARG C 112 -17.56 -9.65 -14.19
CA ARG C 112 -18.93 -9.90 -14.58
C ARG C 112 -18.97 -10.78 -15.83
N VAL C 113 -19.00 -12.09 -15.62
CA VAL C 113 -19.01 -13.03 -16.72
C VAL C 113 -19.62 -14.32 -16.21
N ASP C 114 -20.25 -15.06 -17.12
CA ASP C 114 -20.71 -16.42 -16.84
C ASP C 114 -19.71 -17.40 -17.45
N PRO C 115 -18.72 -17.92 -16.68
CA PRO C 115 -17.71 -18.80 -17.25
C PRO C 115 -18.27 -19.94 -18.11
N LYS C 116 -19.47 -20.42 -17.76
CA LYS C 116 -20.10 -21.54 -18.47
C LYS C 116 -20.28 -21.16 -19.95
N LYS C 117 -20.59 -19.89 -20.22
CA LYS C 117 -20.85 -19.43 -21.58
C LYS C 117 -19.56 -19.11 -22.33
N LEU C 118 -18.38 -19.37 -21.72
CA LEU C 118 -17.09 -19.16 -22.36
C LEU C 118 -16.39 -20.50 -22.50
N THR C 119 -15.53 -20.63 -23.52
CA THR C 119 -14.70 -21.81 -23.66
C THR C 119 -13.48 -21.65 -22.76
N LEU C 120 -12.68 -22.70 -22.67
CA LEU C 120 -11.51 -22.70 -21.81
C LEU C 120 -10.45 -21.76 -22.38
N LYS C 121 -10.38 -21.65 -23.71
CA LYS C 121 -9.50 -20.68 -24.37
C LYS C 121 -9.98 -19.25 -24.12
N GLU C 122 -11.29 -19.05 -23.97
CA GLU C 122 -11.81 -17.70 -23.75
C GLU C 122 -11.53 -17.25 -22.31
N LEU C 123 -11.56 -18.20 -21.35
CA LEU C 123 -11.42 -17.89 -19.93
C LEU C 123 -9.96 -17.60 -19.61
N GLU C 124 -9.06 -18.26 -20.34
CA GLU C 124 -7.64 -17.99 -20.23
C GLU C 124 -7.34 -16.60 -20.71
N ASP C 125 -7.86 -16.26 -21.88
CA ASP C 125 -7.63 -14.94 -22.43
C ASP C 125 -8.17 -13.95 -21.42
N LEU C 126 -9.38 -14.24 -20.91
CA LEU C 126 -10.05 -13.37 -19.96
C LEU C 126 -9.17 -13.16 -18.73
N SER C 127 -8.66 -14.27 -18.19
CA SER C 127 -7.88 -14.27 -16.96
C SER C 127 -6.58 -13.49 -17.14
N ARG C 128 -5.94 -13.65 -18.30
CA ARG C 128 -4.66 -13.00 -18.57
C ARG C 128 -4.81 -11.47 -18.65
N LYS C 129 -5.91 -11.01 -19.25
CA LYS C 129 -6.04 -9.59 -19.55
C LYS C 129 -6.48 -8.84 -18.31
N TYR C 130 -7.12 -9.58 -17.39
CA TYR C 130 -7.51 -9.05 -16.08
C TYR C 130 -6.25 -8.64 -15.34
N VAL C 131 -5.38 -9.62 -15.13
CA VAL C 131 -4.09 -9.38 -14.50
C VAL C 131 -3.37 -8.26 -15.25
N GLN C 132 -3.27 -8.39 -16.57
CA GLN C 132 -2.46 -7.45 -17.34
C GLN C 132 -2.96 -6.01 -17.16
N LEU C 133 -4.28 -5.82 -16.96
CA LEU C 133 -4.85 -4.47 -16.92
C LEU C 133 -4.71 -3.84 -15.52
N ILE C 134 -4.32 -4.62 -14.50
CA ILE C 134 -4.15 -4.10 -13.15
C ILE C 134 -2.73 -4.33 -12.60
N HIS C 135 -1.84 -4.93 -13.40
CA HIS C 135 -0.62 -5.55 -12.87
C HIS C 135 0.31 -4.53 -12.20
N LYS C 136 0.11 -3.24 -12.47
CA LYS C 136 0.96 -2.25 -11.83
C LYS C 136 0.58 -2.09 -10.37
N TYR C 137 -0.65 -2.50 -9.99
CA TYR C 137 -1.03 -2.44 -8.59
C TYR C 137 -1.19 -3.84 -8.01
N LEU C 138 -0.43 -4.79 -8.60
CA LEU C 138 -0.20 -6.12 -8.05
C LEU C 138 1.28 -6.28 -7.71
N GLY C 139 1.59 -7.35 -6.97
CA GLY C 139 2.93 -7.69 -6.55
C GLY C 139 2.91 -8.61 -5.32
N SER C 140 4.01 -9.36 -5.13
CA SER C 140 4.26 -10.17 -3.95
C SER C 140 4.23 -9.32 -2.68
N ASP C 141 4.37 -8.01 -2.87
CA ASP C 141 4.43 -7.08 -1.76
C ASP C 141 3.45 -5.93 -1.98
N VAL C 142 2.42 -6.14 -2.82
CA VAL C 142 1.43 -5.11 -3.11
C VAL C 142 0.01 -5.69 -3.00
N ASP C 143 -0.27 -6.71 -3.84
CA ASP C 143 -1.58 -7.34 -3.89
C ASP C 143 -1.43 -8.76 -4.44
N ILE C 144 -1.71 -9.76 -3.58
CA ILE C 144 -1.58 -11.17 -3.93
C ILE C 144 -2.98 -11.77 -4.13
N PRO C 145 -3.53 -11.89 -5.36
CA PRO C 145 -4.81 -12.57 -5.54
C PRO C 145 -4.75 -14.07 -5.28
N ALA C 146 -5.92 -14.72 -5.45
CA ALA C 146 -6.10 -16.14 -5.18
C ALA C 146 -7.44 -16.58 -5.75
N PRO C 147 -7.78 -17.88 -5.64
CA PRO C 147 -9.04 -18.37 -6.20
C PRO C 147 -10.24 -17.92 -5.34
N ASP C 148 -11.39 -17.78 -6.00
CA ASP C 148 -12.66 -17.60 -5.33
C ASP C 148 -13.68 -18.48 -6.06
N ILE C 149 -14.90 -17.94 -6.25
CA ILE C 149 -15.95 -18.66 -6.95
C ILE C 149 -15.64 -18.67 -8.45
N ASN C 150 -15.75 -19.87 -9.07
CA ASN C 150 -15.45 -20.10 -10.48
C ASN C 150 -14.01 -19.75 -10.84
N THR C 151 -13.11 -19.73 -9.86
CA THR C 151 -11.68 -19.56 -10.12
C THR C 151 -10.99 -20.68 -9.37
N ASN C 152 -9.84 -21.07 -9.87
CA ASN C 152 -9.27 -22.33 -9.45
C ASN C 152 -7.77 -22.25 -9.70
N PRO C 153 -6.99 -23.27 -9.28
CA PRO C 153 -5.55 -23.24 -9.54
C PRO C 153 -5.16 -23.03 -10.99
N GLN C 154 -5.99 -23.48 -11.92
CA GLN C 154 -5.74 -23.25 -13.34
C GLN C 154 -5.83 -21.76 -13.65
N THR C 155 -6.85 -21.09 -13.13
CA THR C 155 -6.96 -19.64 -13.27
C THR C 155 -5.68 -18.99 -12.75
N MET C 156 -5.17 -19.49 -11.62
CA MET C 156 -4.04 -18.85 -10.97
C MET C 156 -2.77 -19.05 -11.83
N ALA C 157 -2.70 -20.18 -12.56
CA ALA C 157 -1.59 -20.46 -13.46
C ALA C 157 -1.58 -19.57 -14.70
N TRP C 158 -2.76 -19.23 -15.23
CA TRP C 158 -2.87 -18.26 -16.32
C TRP C 158 -2.50 -16.87 -15.85
N PHE C 159 -3.04 -16.49 -14.69
CA PHE C 159 -2.63 -15.28 -14.02
C PHE C 159 -1.10 -15.27 -13.89
N LEU C 160 -0.53 -16.33 -13.31
CA LEU C 160 0.91 -16.44 -13.04
C LEU C 160 1.65 -16.26 -14.34
N ASP C 161 1.35 -17.14 -15.29
CA ASP C 161 2.05 -17.13 -16.55
C ASP C 161 1.99 -15.75 -17.20
N GLU C 162 0.85 -15.05 -17.12
CA GLU C 162 0.74 -13.76 -17.78
C GLU C 162 1.63 -12.72 -17.09
N TYR C 163 1.86 -12.90 -15.79
CA TYR C 163 2.61 -11.92 -15.01
C TYR C 163 4.11 -12.07 -15.26
N ILE C 164 4.54 -13.31 -15.48
CA ILE C 164 5.93 -13.62 -15.82
C ILE C 164 6.24 -13.06 -17.22
N LYS C 165 5.25 -12.98 -18.10
CA LYS C 165 5.43 -12.42 -19.42
C LYS C 165 5.60 -10.91 -19.33
N ILE C 166 4.78 -10.29 -18.49
CA ILE C 166 4.75 -8.84 -18.39
C ILE C 166 6.04 -8.36 -17.73
N THR C 167 6.44 -8.99 -16.61
CA THR C 167 7.53 -8.50 -15.77
C THR C 167 8.86 -9.20 -16.05
N GLY C 168 8.84 -10.48 -16.41
CA GLY C 168 10.06 -11.19 -16.74
C GLY C 168 10.61 -11.96 -15.54
N LYS C 169 9.85 -11.92 -14.47
CA LYS C 169 10.27 -12.53 -13.23
C LYS C 169 9.37 -13.62 -12.75
N VAL C 170 9.95 -14.74 -12.39
CA VAL C 170 9.19 -15.85 -11.88
C VAL C 170 9.00 -15.69 -10.41
N ASP C 171 8.22 -14.69 -10.04
CA ASP C 171 7.89 -14.49 -8.64
C ASP C 171 6.63 -15.27 -8.38
N PHE C 172 6.80 -16.45 -7.86
CA PHE C 172 5.70 -17.34 -7.57
C PHE C 172 4.73 -16.72 -6.57
N ALA C 173 5.23 -15.86 -5.67
CA ALA C 173 4.44 -15.38 -4.54
C ALA C 173 3.42 -14.30 -4.96
N VAL C 174 3.32 -13.95 -6.24
CA VAL C 174 2.37 -12.90 -6.64
C VAL C 174 0.93 -13.41 -6.62
N PHE C 175 0.71 -14.74 -6.74
CA PHE C 175 -0.61 -15.33 -6.69
C PHE C 175 -0.58 -16.56 -5.77
N THR C 176 -1.71 -16.85 -5.13
CA THR C 176 -1.79 -18.01 -4.25
C THR C 176 -2.90 -18.93 -4.74
N GLY C 177 -2.99 -20.14 -4.16
CA GLY C 177 -3.85 -21.19 -4.70
C GLY C 177 -3.34 -21.72 -6.03
N LYS C 178 -2.02 -21.75 -6.21
CA LYS C 178 -1.42 -22.19 -7.46
C LYS C 178 -1.28 -23.71 -7.48
N PRO C 179 -1.25 -24.36 -8.67
CA PRO C 179 -1.07 -25.79 -8.75
C PRO C 179 0.24 -26.09 -8.05
N SER C 180 0.32 -27.26 -7.42
CA SER C 180 1.48 -27.55 -6.59
C SER C 180 2.75 -27.59 -7.43
N GLU C 181 2.64 -27.72 -8.76
CA GLU C 181 3.81 -27.88 -9.62
C GLU C 181 4.34 -26.53 -10.10
N LEU C 182 3.59 -25.47 -9.78
CA LEU C 182 3.98 -24.12 -10.12
C LEU C 182 4.00 -23.25 -8.86
N GLY C 183 4.70 -23.70 -7.82
CA GLY C 183 4.98 -22.88 -6.65
C GLY C 183 3.88 -22.98 -5.61
N GLY C 184 2.88 -23.82 -5.90
CA GLY C 184 1.72 -23.97 -5.04
C GLY C 184 2.00 -24.97 -3.93
N ILE C 185 0.97 -25.31 -3.16
CA ILE C 185 1.12 -26.22 -2.05
C ILE C 185 -0.18 -27.01 -1.94
N GLY C 186 -0.05 -28.33 -1.80
CA GLY C 186 -1.16 -29.26 -1.93
C GLY C 186 -2.31 -28.97 -0.97
N VAL C 187 -1.99 -28.61 0.29
CA VAL C 187 -2.99 -28.32 1.31
C VAL C 187 -3.90 -27.20 0.86
N ARG C 188 -3.41 -26.30 0.00
CA ARG C 188 -4.19 -25.13 -0.33
C ARG C 188 -5.47 -25.54 -1.06
N LEU C 189 -5.43 -26.65 -1.80
CA LEU C 189 -6.59 -27.07 -2.56
C LEU C 189 -7.75 -27.25 -1.59
N TYR C 190 -7.46 -27.77 -0.41
CA TYR C 190 -8.50 -28.15 0.54
C TYR C 190 -8.35 -27.44 1.88
N SER C 191 -7.61 -26.32 1.94
CA SER C 191 -7.34 -25.68 3.23
C SER C 191 -8.58 -24.99 3.77
N THR C 192 -9.42 -24.44 2.87
CA THR C 192 -10.60 -23.73 3.33
C THR C 192 -11.58 -24.70 3.98
N GLY C 193 -11.92 -25.78 3.25
CA GLY C 193 -12.79 -26.83 3.76
C GLY C 193 -12.25 -27.49 5.03
N LEU C 194 -10.94 -27.76 5.06
CA LEU C 194 -10.30 -28.27 6.27
C LEU C 194 -10.46 -27.28 7.42
N GLY C 195 -10.32 -25.97 7.15
CA GLY C 195 -10.51 -24.95 8.16
C GLY C 195 -11.94 -24.92 8.69
N VAL C 196 -12.91 -24.94 7.77
CA VAL C 196 -14.31 -24.91 8.17
C VAL C 196 -14.66 -26.17 8.97
N ALA C 197 -14.08 -27.31 8.60
CA ALA C 197 -14.34 -28.56 9.29
C ALA C 197 -13.77 -28.51 10.70
N THR C 198 -12.55 -27.97 10.79
CA THR C 198 -11.80 -27.89 12.03
C THR C 198 -12.53 -26.97 13.00
N ILE C 199 -12.86 -25.77 12.53
CA ILE C 199 -13.56 -24.81 13.35
C ILE C 199 -14.92 -25.36 13.77
N ALA C 200 -15.60 -26.09 12.88
CA ALA C 200 -16.95 -26.55 13.15
C ALA C 200 -16.91 -27.61 14.23
N ARG C 201 -15.88 -28.46 14.22
CA ARG C 201 -15.72 -29.47 15.25
C ARG C 201 -15.38 -28.83 16.60
N ASP C 202 -14.45 -27.88 16.62
CA ASP C 202 -14.12 -27.24 17.88
C ASP C 202 -15.39 -26.57 18.40
N ALA C 203 -16.10 -25.85 17.52
CA ALA C 203 -17.32 -25.17 17.93
C ALA C 203 -18.32 -26.19 18.50
N ALA C 204 -18.44 -27.36 17.89
CA ALA C 204 -19.44 -28.30 18.35
C ALA C 204 -19.02 -28.90 19.69
N ASN C 205 -17.72 -29.13 19.89
CA ASN C 205 -17.22 -29.70 21.13
C ASN C 205 -17.44 -28.73 22.29
N LYS C 206 -17.42 -27.42 22.01
CA LYS C 206 -17.51 -26.40 23.04
C LYS C 206 -18.94 -25.90 23.27
N PHE C 207 -19.91 -26.35 22.48
CA PHE C 207 -21.20 -25.68 22.53
C PHE C 207 -22.36 -26.68 22.49
N ILE C 208 -22.30 -27.71 21.65
CA ILE C 208 -23.48 -28.55 21.38
C ILE C 208 -23.16 -30.03 21.60
N GLY C 209 -22.09 -30.31 22.36
CA GLY C 209 -21.79 -31.67 22.78
C GLY C 209 -21.01 -32.48 21.75
N GLY C 210 -20.27 -31.80 20.87
CA GLY C 210 -19.37 -32.46 19.96
C GLY C 210 -19.98 -32.79 18.60
N ILE C 211 -19.09 -33.23 17.71
CA ILE C 211 -19.31 -33.24 16.27
C ILE C 211 -19.79 -34.63 15.85
N GLU C 212 -19.48 -35.66 16.64
CA GLU C 212 -19.83 -37.01 16.26
C GLU C 212 -21.35 -37.14 16.30
N GLY C 213 -21.92 -37.82 15.32
CA GLY C 213 -23.35 -37.98 15.24
C GLY C 213 -24.08 -36.72 14.76
N SER C 214 -23.37 -35.58 14.68
CA SER C 214 -24.04 -34.30 14.46
C SER C 214 -24.60 -34.22 13.03
N ARG C 215 -25.79 -33.62 12.89
CA ARG C 215 -26.46 -33.55 11.60
C ARG C 215 -26.08 -32.23 10.92
N VAL C 216 -25.47 -32.30 9.74
CA VAL C 216 -24.91 -31.10 9.11
C VAL C 216 -25.50 -30.90 7.71
N ILE C 217 -26.04 -29.69 7.50
CA ILE C 217 -26.45 -29.23 6.19
C ILE C 217 -25.40 -28.24 5.68
N ILE C 218 -24.94 -28.47 4.44
CA ILE C 218 -24.00 -27.59 3.79
C ILE C 218 -24.65 -27.06 2.51
N GLN C 219 -24.75 -25.73 2.39
CA GLN C 219 -25.21 -25.12 1.16
C GLN C 219 -23.98 -24.78 0.34
N GLY C 220 -23.95 -25.24 -0.92
CA GLY C 220 -22.75 -25.17 -1.75
C GLY C 220 -21.96 -26.47 -1.68
N PHE C 221 -21.44 -26.89 -2.83
CA PHE C 221 -20.67 -28.12 -2.92
C PHE C 221 -19.45 -27.96 -3.83
N GLY C 222 -18.89 -26.76 -3.90
CA GLY C 222 -17.68 -26.52 -4.65
C GLY C 222 -16.43 -26.72 -3.79
N ASN C 223 -15.42 -25.89 -3.98
CA ASN C 223 -14.12 -26.14 -3.37
C ASN C 223 -14.23 -26.06 -1.84
N VAL C 224 -15.09 -25.19 -1.32
CA VAL C 224 -15.28 -25.06 0.11
C VAL C 224 -16.21 -26.16 0.63
N GLY C 225 -17.40 -26.25 0.02
CA GLY C 225 -18.46 -27.10 0.52
C GLY C 225 -18.13 -28.60 0.43
N PHE C 226 -17.56 -29.01 -0.70
CA PHE C 226 -17.19 -30.42 -0.85
C PHE C 226 -16.18 -30.82 0.23
N PHE C 227 -15.08 -30.08 0.32
CA PHE C 227 -14.02 -30.42 1.25
C PHE C 227 -14.51 -30.26 2.68
N THR C 228 -15.33 -29.24 2.95
CA THR C 228 -15.93 -29.12 4.26
C THR C 228 -16.64 -30.41 4.61
N ALA C 229 -17.49 -30.87 3.67
CA ALA C 229 -18.30 -32.05 3.90
C ALA C 229 -17.42 -33.30 4.06
N LYS C 230 -16.41 -33.43 3.19
CA LYS C 230 -15.52 -34.57 3.25
C LYS C 230 -14.92 -34.70 4.64
N PHE C 231 -14.24 -33.63 5.09
CA PHE C 231 -13.47 -33.68 6.33
C PHE C 231 -14.39 -33.87 7.52
N LEU C 232 -15.55 -33.21 7.48
CA LEU C 232 -16.51 -33.22 8.55
C LEU C 232 -17.09 -34.64 8.69
N SER C 233 -17.16 -35.34 7.54
CA SER C 233 -17.62 -36.71 7.47
C SER C 233 -16.54 -37.67 7.97
N GLU C 234 -15.30 -37.45 7.54
CA GLU C 234 -14.14 -38.11 8.14
C GLU C 234 -14.11 -37.96 9.66
N MET C 235 -14.57 -36.81 10.19
CA MET C 235 -14.57 -36.52 11.62
C MET C 235 -15.76 -37.14 12.36
N GLY C 236 -16.71 -37.79 11.65
CA GLY C 236 -17.79 -38.50 12.32
C GLY C 236 -19.12 -37.74 12.36
N ALA C 237 -19.20 -36.60 11.66
CA ALA C 237 -20.45 -35.88 11.49
C ALA C 237 -21.28 -36.61 10.46
N LYS C 238 -22.60 -36.38 10.53
CA LYS C 238 -23.54 -36.95 9.58
C LYS C 238 -23.96 -35.81 8.66
N ILE C 239 -23.65 -35.92 7.37
CA ILE C 239 -24.01 -34.81 6.51
C ILE C 239 -25.34 -35.16 5.84
N ILE C 240 -26.39 -34.46 6.31
CA ILE C 240 -27.77 -34.82 6.01
C ILE C 240 -28.35 -33.91 4.92
N GLY C 241 -27.62 -32.88 4.51
CA GLY C 241 -28.06 -32.05 3.39
C GLY C 241 -26.89 -31.42 2.67
N VAL C 242 -27.05 -31.31 1.35
CA VAL C 242 -26.04 -30.76 0.45
C VAL C 242 -26.78 -30.06 -0.68
N SER C 243 -26.15 -29.07 -1.32
CA SER C 243 -26.81 -28.34 -2.39
C SER C 243 -25.79 -27.58 -3.20
N ASP C 244 -26.22 -27.12 -4.38
CA ASP C 244 -25.44 -26.23 -5.19
C ASP C 244 -26.43 -25.32 -5.92
N ILE C 245 -25.98 -24.66 -6.97
CA ILE C 245 -26.83 -23.76 -7.75
C ILE C 245 -28.07 -24.52 -8.21
N GLY C 246 -27.92 -25.83 -8.48
CA GLY C 246 -29.02 -26.64 -9.02
C GLY C 246 -30.11 -27.00 -8.00
N GLY C 247 -29.88 -26.72 -6.70
CA GLY C 247 -30.77 -27.13 -5.63
C GLY C 247 -30.10 -28.19 -4.75
N GLY C 248 -30.84 -28.77 -3.80
CA GLY C 248 -30.21 -29.68 -2.85
C GLY C 248 -31.01 -30.96 -2.54
N VAL C 249 -30.46 -31.75 -1.61
CA VAL C 249 -31.03 -33.03 -1.22
C VAL C 249 -30.82 -33.20 0.29
N ILE C 250 -31.88 -33.59 1.01
CA ILE C 250 -31.81 -33.92 2.43
C ILE C 250 -31.98 -35.43 2.58
N ASN C 251 -31.01 -36.10 3.18
CA ASN C 251 -31.17 -37.49 3.58
C ASN C 251 -30.73 -37.63 5.05
N GLU C 252 -31.69 -37.87 5.95
CA GLU C 252 -31.43 -37.84 7.39
C GLU C 252 -30.62 -39.07 7.82
N ASN C 253 -30.44 -40.03 6.90
CA ASN C 253 -29.58 -41.18 7.11
C ASN C 253 -28.13 -40.87 6.72
N GLY C 254 -27.83 -39.62 6.34
CA GLY C 254 -26.50 -39.24 5.85
C GLY C 254 -26.42 -39.30 4.33
N ILE C 255 -25.46 -38.53 3.78
CA ILE C 255 -25.14 -38.47 2.36
C ILE C 255 -23.71 -38.94 2.16
N ASP C 256 -23.49 -39.85 1.21
CA ASP C 256 -22.16 -40.21 0.76
C ASP C 256 -21.58 -39.02 -0.02
N VAL C 257 -20.49 -38.45 0.48
CA VAL C 257 -20.03 -37.17 -0.01
C VAL C 257 -19.30 -37.37 -1.34
N ASN C 258 -18.38 -38.34 -1.37
CA ASN C 258 -17.65 -38.70 -2.58
C ASN C 258 -18.59 -39.05 -3.72
N ARG C 259 -19.58 -39.90 -3.43
CA ARG C 259 -20.56 -40.29 -4.44
C ARG C 259 -21.37 -39.05 -4.86
N ALA C 260 -21.68 -38.18 -3.89
CA ALA C 260 -22.35 -36.92 -4.19
C ALA C 260 -21.54 -36.13 -5.21
N LEU C 261 -20.22 -36.04 -5.01
CA LEU C 261 -19.41 -35.26 -5.94
C LEU C 261 -19.52 -35.88 -7.33
N GLU C 262 -19.47 -37.22 -7.41
CA GLU C 262 -19.62 -37.96 -8.67
C GLU C 262 -20.94 -37.62 -9.36
N VAL C 263 -22.01 -37.43 -8.58
CA VAL C 263 -23.31 -37.09 -9.13
C VAL C 263 -23.26 -35.68 -9.74
N VAL C 264 -22.43 -34.80 -9.17
CA VAL C 264 -22.24 -33.48 -9.73
C VAL C 264 -21.46 -33.60 -11.04
N GLN C 265 -20.40 -34.42 -11.01
CA GLN C 265 -19.48 -34.50 -12.12
C GLN C 265 -20.18 -35.08 -13.35
N SER C 266 -21.05 -36.07 -13.14
CA SER C 266 -21.68 -36.76 -14.24
C SER C 266 -23.05 -36.16 -14.58
N THR C 267 -23.47 -35.10 -13.89
CA THR C 267 -24.85 -34.63 -13.97
C THR C 267 -24.98 -33.11 -14.02
N GLY C 268 -24.04 -32.38 -13.43
CA GLY C 268 -24.10 -30.93 -13.36
C GLY C 268 -24.51 -30.39 -11.99
N SER C 269 -25.26 -31.17 -11.21
CA SER C 269 -25.78 -30.69 -9.94
C SER C 269 -26.03 -31.86 -8.98
N VAL C 270 -26.32 -31.52 -7.73
CA VAL C 270 -26.31 -32.45 -6.61
C VAL C 270 -27.74 -32.72 -6.16
N VAL C 271 -28.71 -31.99 -6.74
CA VAL C 271 -30.15 -32.34 -6.64
C VAL C 271 -30.39 -33.74 -7.19
N ASN C 272 -29.55 -34.15 -8.13
CA ASN C 272 -29.75 -35.41 -8.84
C ASN C 272 -29.20 -36.57 -8.02
N TYR C 273 -28.88 -36.31 -6.74
CA TYR C 273 -28.51 -37.38 -5.82
C TYR C 273 -29.72 -38.30 -5.70
N LEU C 274 -29.48 -39.61 -5.81
CA LEU C 274 -30.57 -40.55 -6.01
C LEU C 274 -31.25 -40.86 -4.68
N GLU C 275 -30.44 -41.13 -3.65
CA GLU C 275 -30.97 -41.51 -2.34
C GLU C 275 -31.14 -40.26 -1.48
N GLY C 276 -32.26 -39.55 -1.66
CA GLY C 276 -32.62 -38.45 -0.79
C GLY C 276 -33.76 -37.62 -1.35
N LYS C 277 -34.22 -36.65 -0.55
CA LYS C 277 -35.35 -35.80 -0.93
C LYS C 277 -34.83 -34.50 -1.52
N LYS C 278 -35.24 -34.18 -2.76
CA LYS C 278 -34.82 -32.95 -3.41
C LYS C 278 -35.44 -31.75 -2.70
N VAL C 279 -34.62 -30.75 -2.42
CA VAL C 279 -35.08 -29.52 -1.79
C VAL C 279 -34.54 -28.34 -2.58
N THR C 280 -35.18 -27.19 -2.39
CA THR C 280 -34.71 -25.92 -2.92
C THR C 280 -33.64 -25.39 -1.95
N ASN C 281 -32.92 -24.36 -2.36
CA ASN C 281 -31.88 -23.81 -1.49
C ASN C 281 -32.55 -23.21 -0.26
N GLU C 282 -33.64 -22.46 -0.46
CA GLU C 282 -34.35 -21.89 0.68
C GLU C 282 -34.79 -22.97 1.68
N GLU C 283 -35.23 -24.12 1.16
CA GLU C 283 -35.79 -25.18 1.98
C GLU C 283 -34.66 -25.80 2.77
N LEU C 284 -33.51 -25.93 2.13
CA LEU C 284 -32.33 -26.49 2.76
C LEU C 284 -31.94 -25.65 3.97
N LEU C 285 -31.90 -24.32 3.79
CA LEU C 285 -31.40 -23.41 4.81
C LEU C 285 -32.22 -23.51 6.09
N ILE C 286 -33.53 -23.74 5.95
CA ILE C 286 -34.43 -23.78 7.10
C ILE C 286 -34.76 -25.22 7.47
N SER C 287 -34.07 -26.21 6.88
CA SER C 287 -34.30 -27.60 7.22
C SER C 287 -33.71 -27.91 8.59
N ASP C 288 -34.21 -29.00 9.19
CA ASP C 288 -33.83 -29.41 10.53
C ASP C 288 -32.42 -29.99 10.48
N CYS C 289 -31.57 -29.49 11.38
CA CYS C 289 -30.15 -29.85 11.45
C CYS C 289 -29.59 -29.36 12.77
N ASP C 290 -28.42 -29.86 13.14
CA ASP C 290 -27.69 -29.35 14.29
C ASP C 290 -26.85 -28.14 13.85
N ILE C 291 -26.12 -28.30 12.74
CA ILE C 291 -25.16 -27.32 12.25
C ILE C 291 -25.49 -26.99 10.81
N LEU C 292 -25.59 -25.68 10.52
CA LEU C 292 -25.84 -25.20 9.17
C LEU C 292 -24.56 -24.52 8.69
N ILE C 293 -24.12 -24.88 7.49
CA ILE C 293 -22.88 -24.34 6.97
C ILE C 293 -23.14 -23.79 5.57
N PRO C 294 -23.45 -22.48 5.46
CA PRO C 294 -23.52 -21.81 4.15
C PRO C 294 -22.12 -21.74 3.58
N ALA C 295 -21.90 -22.45 2.46
CA ALA C 295 -20.59 -22.54 1.85
C ALA C 295 -20.68 -22.21 0.36
N ALA C 296 -21.53 -21.22 0.03
CA ALA C 296 -21.75 -20.86 -1.36
C ALA C 296 -21.60 -19.34 -1.52
N VAL C 297 -22.69 -18.60 -1.28
CA VAL C 297 -22.74 -17.17 -1.59
C VAL C 297 -23.26 -16.38 -0.38
N GLU C 298 -23.21 -15.05 -0.51
CA GLU C 298 -23.57 -14.13 0.56
C GLU C 298 -25.07 -13.88 0.69
N ASN C 299 -25.48 -13.35 1.85
CA ASN C 299 -26.83 -12.82 2.07
C ASN C 299 -27.90 -13.89 1.84
N VAL C 300 -27.54 -15.13 2.13
CA VAL C 300 -28.40 -16.28 1.86
C VAL C 300 -29.34 -16.50 3.04
N ILE C 301 -29.03 -15.90 4.20
CA ILE C 301 -29.88 -15.91 5.37
C ILE C 301 -30.13 -14.47 5.78
N ASN C 302 -31.42 -14.09 5.89
CA ASN C 302 -31.81 -12.70 6.05
C ASN C 302 -32.91 -12.60 7.10
N LYS C 303 -33.53 -11.42 7.23
CA LYS C 303 -34.50 -11.17 8.30
C LYS C 303 -35.68 -12.14 8.20
N PHE C 304 -35.96 -12.72 7.02
CA PHE C 304 -37.20 -13.47 6.82
C PHE C 304 -37.04 -14.98 7.08
N ASN C 305 -35.89 -15.60 6.71
CA ASN C 305 -35.66 -17.02 6.94
C ASN C 305 -34.84 -17.28 8.20
N ALA C 306 -34.19 -16.25 8.76
CA ALA C 306 -33.39 -16.39 9.96
C ALA C 306 -34.24 -16.83 11.15
N PRO C 307 -35.48 -16.32 11.32
CA PRO C 307 -36.38 -16.84 12.35
C PRO C 307 -36.74 -18.32 12.20
N LYS C 308 -36.54 -18.89 10.99
CA LYS C 308 -36.96 -20.25 10.67
C LYS C 308 -35.78 -21.22 10.66
N VAL C 309 -34.54 -20.70 10.66
CA VAL C 309 -33.36 -21.55 10.65
C VAL C 309 -33.41 -22.43 11.91
N ARG C 310 -33.14 -23.72 11.72
CA ARG C 310 -33.44 -24.72 12.72
C ARG C 310 -32.19 -25.16 13.48
N ALA C 311 -31.01 -24.81 12.95
CA ALA C 311 -29.72 -25.20 13.49
C ALA C 311 -29.47 -24.59 14.86
N LYS C 312 -28.67 -25.29 15.68
CA LYS C 312 -28.17 -24.72 16.93
C LYS C 312 -26.97 -23.83 16.65
N LEU C 313 -26.21 -24.15 15.59
CA LEU C 313 -24.92 -23.54 15.35
C LEU C 313 -24.73 -23.36 13.85
N ILE C 314 -24.47 -22.09 13.44
CA ILE C 314 -24.16 -21.75 12.06
C ILE C 314 -22.66 -21.53 11.95
N VAL C 315 -21.99 -22.27 11.05
CA VAL C 315 -20.59 -22.05 10.75
C VAL C 315 -20.51 -21.51 9.33
N GLU C 316 -19.94 -20.32 9.20
CA GLU C 316 -19.99 -19.62 7.93
C GLU C 316 -18.81 -20.01 7.03
N GLY C 317 -19.00 -20.96 6.13
CA GLY C 317 -17.99 -21.26 5.12
C GLY C 317 -17.82 -20.16 4.08
N ALA C 318 -18.95 -19.60 3.62
CA ALA C 318 -18.96 -18.58 2.59
C ALA C 318 -18.65 -17.22 3.20
N ASN C 319 -18.19 -16.28 2.37
CA ASN C 319 -18.02 -14.89 2.78
C ASN C 319 -19.38 -14.21 2.84
N GLY C 320 -19.72 -13.64 4.01
CA GLY C 320 -20.90 -12.82 4.18
C GLY C 320 -22.25 -13.53 3.97
N PRO C 321 -22.48 -14.76 4.50
CA PRO C 321 -23.78 -15.43 4.33
C PRO C 321 -25.03 -14.82 4.99
N LEU C 322 -24.91 -14.22 6.19
CA LEU C 322 -26.04 -13.62 6.87
C LEU C 322 -25.99 -12.09 6.78
N THR C 323 -27.18 -11.50 6.62
CA THR C 323 -27.37 -10.05 6.70
C THR C 323 -27.16 -9.62 8.16
N ALA C 324 -27.13 -8.29 8.40
CA ALA C 324 -26.91 -7.74 9.73
C ALA C 324 -28.13 -7.98 10.59
N ASP C 325 -29.31 -7.88 9.93
CA ASP C 325 -30.61 -8.15 10.55
C ASP C 325 -30.70 -9.62 10.94
N ALA C 326 -30.21 -10.54 10.09
CA ALA C 326 -30.11 -11.96 10.43
C ALA C 326 -29.21 -12.15 11.65
N ASP C 327 -28.16 -11.33 11.77
CA ASP C 327 -27.21 -11.47 12.88
C ASP C 327 -27.91 -11.19 14.19
N GLU C 328 -28.68 -10.10 14.23
CA GLU C 328 -29.45 -9.74 15.40
C GLU C 328 -30.44 -10.85 15.78
N ILE C 329 -31.16 -11.38 14.79
CA ILE C 329 -32.18 -12.39 15.06
C ILE C 329 -31.51 -13.62 15.68
N MET C 330 -30.40 -14.06 15.08
CA MET C 330 -29.65 -15.19 15.60
C MET C 330 -29.25 -14.94 17.05
N LYS C 331 -28.80 -13.72 17.35
CA LYS C 331 -28.51 -13.33 18.72
C LYS C 331 -29.77 -13.46 19.59
N GLN C 332 -30.90 -12.84 19.16
CA GLN C 332 -32.14 -12.89 19.93
C GLN C 332 -32.52 -14.35 20.23
N ARG C 333 -32.38 -15.24 19.25
CA ARG C 333 -32.83 -16.62 19.38
C ARG C 333 -31.82 -17.53 20.08
N GLY C 334 -30.65 -16.98 20.46
CA GLY C 334 -29.59 -17.77 21.05
C GLY C 334 -28.92 -18.75 20.08
N VAL C 335 -28.91 -18.44 18.77
CA VAL C 335 -28.26 -19.31 17.81
C VAL C 335 -26.84 -18.80 17.59
N ILE C 336 -25.85 -19.68 17.89
CA ILE C 336 -24.43 -19.37 17.80
C ILE C 336 -24.00 -19.31 16.33
N VAL C 337 -23.30 -18.24 15.95
CA VAL C 337 -22.78 -18.12 14.59
C VAL C 337 -21.28 -17.92 14.69
N ILE C 338 -20.51 -18.87 14.09
CA ILE C 338 -19.08 -18.69 13.90
C ILE C 338 -18.85 -17.83 12.65
N PRO C 339 -18.30 -16.61 12.83
CA PRO C 339 -18.01 -15.69 11.73
C PRO C 339 -17.19 -16.31 10.63
N ASP C 340 -17.42 -15.82 9.41
CA ASP C 340 -16.65 -16.23 8.24
C ASP C 340 -15.21 -15.76 8.39
N ILE C 341 -15.05 -14.57 8.97
CA ILE C 341 -13.76 -13.97 9.25
C ILE C 341 -12.83 -14.97 9.91
N LEU C 342 -13.41 -15.95 10.60
CA LEU C 342 -12.61 -16.97 11.25
C LEU C 342 -12.79 -18.35 10.60
N ALA C 343 -14.01 -18.68 10.18
CA ALA C 343 -14.29 -20.05 9.70
C ALA C 343 -13.70 -20.42 8.34
N ASN C 344 -13.69 -19.48 7.41
CA ASN C 344 -13.17 -19.77 6.08
C ASN C 344 -11.74 -19.30 5.91
N ALA C 345 -11.10 -18.94 7.01
CA ALA C 345 -9.73 -18.43 6.96
C ALA C 345 -8.72 -19.51 6.54
N GLY C 346 -9.09 -20.78 6.66
CA GLY C 346 -8.19 -21.83 6.18
C GLY C 346 -7.67 -21.53 4.78
N GLY C 347 -8.48 -20.83 3.98
CA GLY C 347 -8.05 -20.40 2.66
C GLY C 347 -6.84 -19.49 2.75
N VAL C 348 -7.03 -18.34 3.41
CA VAL C 348 -6.05 -17.28 3.43
C VAL C 348 -4.84 -17.70 4.25
N VAL C 349 -5.09 -18.47 5.31
CA VAL C 349 -4.01 -18.99 6.10
C VAL C 349 -3.21 -19.93 5.22
N GLY C 350 -3.90 -20.80 4.46
CA GLY C 350 -3.26 -21.74 3.57
C GLY C 350 -2.43 -21.03 2.51
N SER C 351 -2.87 -19.83 2.11
CA SER C 351 -2.17 -19.13 1.05
C SER C 351 -1.11 -18.19 1.62
N TYR C 352 -1.27 -17.75 2.88
CA TYR C 352 -0.18 -17.16 3.63
C TYR C 352 1.03 -18.10 3.68
N VAL C 353 0.78 -19.39 3.97
CA VAL C 353 1.85 -20.36 4.05
C VAL C 353 2.37 -20.67 2.65
N GLU C 354 1.48 -20.71 1.65
CA GLU C 354 1.94 -20.87 0.28
C GLU C 354 2.91 -19.75 -0.10
N TRP C 355 2.49 -18.51 0.21
CA TRP C 355 3.24 -17.28 -0.01
C TRP C 355 4.56 -17.30 0.76
N ALA C 356 4.47 -17.54 2.07
CA ALA C 356 5.65 -17.59 2.91
C ALA C 356 6.66 -18.61 2.37
N ASN C 357 6.18 -19.76 1.85
CA ASN C 357 7.05 -20.83 1.38
C ASN C 357 7.76 -20.41 0.09
N ASN C 358 7.09 -19.58 -0.71
CA ASN C 358 7.61 -19.09 -1.97
C ASN C 358 8.81 -18.19 -1.74
N ARG C 359 8.70 -17.28 -0.74
CA ARG C 359 9.71 -16.26 -0.47
C ARG C 359 10.92 -16.91 0.19
N SER C 360 10.60 -17.93 0.98
CA SER C 360 11.56 -18.74 1.67
C SER C 360 12.23 -19.75 0.70
N GLY C 361 11.61 -19.99 -0.46
CA GLY C 361 12.24 -20.75 -1.54
C GLY C 361 11.67 -22.15 -1.77
N GLY C 362 10.54 -22.49 -1.14
CA GLY C 362 9.88 -23.77 -1.37
C GLY C 362 10.21 -24.84 -0.32
N ILE C 363 10.69 -24.44 0.87
CA ILE C 363 11.30 -25.40 1.79
C ILE C 363 10.36 -25.81 2.92
N ILE C 364 9.05 -25.53 2.78
CA ILE C 364 8.07 -26.04 3.73
C ILE C 364 7.44 -27.26 3.06
N SER C 365 7.50 -28.39 3.78
CA SER C 365 6.83 -29.63 3.42
C SER C 365 5.32 -29.48 3.56
N ASP C 366 4.57 -30.42 2.99
CA ASP C 366 3.12 -30.30 2.92
C ASP C 366 2.50 -30.56 4.30
N GLU C 367 3.23 -31.23 5.18
CA GLU C 367 2.72 -31.58 6.50
C GLU C 367 3.00 -30.45 7.49
N GLU C 368 4.20 -29.87 7.40
CA GLU C 368 4.51 -28.67 8.15
C GLU C 368 3.46 -27.61 7.86
N ALA C 369 3.13 -27.44 6.57
CA ALA C 369 2.13 -26.48 6.14
C ALA C 369 0.78 -26.79 6.78
N LYS C 370 0.32 -28.03 6.66
CA LYS C 370 -0.96 -28.46 7.18
C LYS C 370 -1.10 -28.08 8.65
N LYS C 371 -0.03 -28.37 9.43
CA LYS C 371 0.03 -28.06 10.84
C LYS C 371 0.01 -26.54 11.06
N LEU C 372 0.81 -25.82 10.26
CA LEU C 372 0.84 -24.37 10.32
C LEU C 372 -0.59 -23.79 10.18
N ILE C 373 -1.40 -24.40 9.31
CA ILE C 373 -2.73 -23.89 9.03
C ILE C 373 -3.69 -24.27 10.17
N VAL C 374 -3.72 -25.56 10.52
CA VAL C 374 -4.65 -26.01 11.56
C VAL C 374 -4.35 -25.24 12.85
N ASP C 375 -3.07 -25.08 13.20
CA ASP C 375 -2.71 -24.43 14.46
C ASP C 375 -3.18 -22.98 14.48
N ARG C 376 -2.89 -22.19 13.44
CA ARG C 376 -3.41 -20.82 13.44
C ARG C 376 -4.92 -20.84 13.63
N MET C 377 -5.61 -21.79 13.01
CA MET C 377 -7.07 -21.79 12.99
C MET C 377 -7.62 -21.96 14.40
N ILE C 378 -7.12 -23.00 15.08
CA ILE C 378 -7.51 -23.30 16.46
C ILE C 378 -7.13 -22.14 17.39
N ASN C 379 -5.88 -21.69 17.32
CA ASN C 379 -5.44 -20.61 18.19
C ASN C 379 -6.36 -19.41 18.03
N ALA C 380 -6.76 -19.09 16.79
CA ALA C 380 -7.62 -17.94 16.57
C ALA C 380 -9.00 -18.21 17.17
N PHE C 381 -9.40 -19.48 17.20
CA PHE C 381 -10.67 -19.82 17.81
C PHE C 381 -10.58 -19.62 19.32
N ASN C 382 -9.51 -20.16 19.92
CA ASN C 382 -9.33 -20.14 21.37
C ASN C 382 -9.18 -18.69 21.85
N THR C 383 -8.51 -17.86 21.06
CA THR C 383 -8.39 -16.44 21.37
C THR C 383 -9.78 -15.82 21.40
N LEU C 384 -10.58 -16.10 20.36
CA LEU C 384 -11.91 -15.54 20.23
C LEU C 384 -12.78 -15.97 21.41
N TYR C 385 -12.71 -17.27 21.72
CA TYR C 385 -13.51 -17.92 22.75
C TYR C 385 -13.25 -17.33 24.11
N ASP C 386 -11.95 -17.24 24.45
CA ASP C 386 -11.46 -16.77 25.74
C ASP C 386 -11.77 -15.28 25.89
N PHE C 387 -11.52 -14.54 24.80
CA PHE C 387 -11.75 -13.11 24.79
C PHE C 387 -13.25 -12.80 24.90
N HIS C 388 -14.10 -13.75 24.48
CA HIS C 388 -15.55 -13.60 24.61
C HIS C 388 -15.97 -13.76 26.06
N LYS C 389 -15.42 -14.78 26.74
CA LYS C 389 -15.74 -15.06 28.13
C LYS C 389 -15.31 -13.92 29.05
N ARG C 390 -14.17 -13.27 28.74
CA ARG C 390 -13.60 -12.29 29.64
C ARG C 390 -14.23 -10.91 29.38
N LYS C 391 -14.03 -10.34 28.19
CA LYS C 391 -14.79 -9.16 27.79
C LYS C 391 -15.83 -9.56 26.74
N PHE C 392 -16.87 -8.74 26.57
CA PHE C 392 -17.82 -8.86 25.47
C PHE C 392 -18.60 -10.18 25.50
N ALA C 393 -18.97 -10.64 26.70
CA ALA C 393 -19.70 -11.89 26.87
C ALA C 393 -21.20 -11.72 26.63
N ASP C 394 -21.64 -10.51 26.27
CA ASP C 394 -23.04 -10.25 25.93
C ASP C 394 -23.21 -9.96 24.43
N GLN C 395 -22.12 -10.13 23.66
CA GLN C 395 -22.09 -9.88 22.23
C GLN C 395 -21.94 -11.21 21.51
N ASP C 396 -22.47 -11.29 20.29
CA ASP C 396 -22.24 -12.46 19.45
C ASP C 396 -20.75 -12.59 19.14
N LEU C 397 -20.36 -13.72 18.51
CA LEU C 397 -18.95 -14.01 18.29
C LEU C 397 -18.39 -13.11 17.18
N ARG C 398 -19.17 -12.89 16.13
CA ARG C 398 -18.70 -12.07 15.05
C ARG C 398 -18.29 -10.69 15.56
N THR C 399 -19.01 -10.19 16.57
CA THR C 399 -18.74 -8.89 17.16
C THR C 399 -17.38 -8.89 17.85
N VAL C 400 -17.08 -9.95 18.61
CA VAL C 400 -15.83 -10.10 19.31
C VAL C 400 -14.68 -10.16 18.30
N ALA C 401 -14.82 -11.03 17.29
CA ALA C 401 -13.85 -11.24 16.22
C ALA C 401 -13.54 -9.93 15.49
N MET C 402 -14.62 -9.23 15.17
CA MET C 402 -14.58 -7.94 14.52
C MET C 402 -13.90 -6.90 15.43
N ALA C 403 -14.13 -7.03 16.74
CA ALA C 403 -13.54 -6.10 17.68
C ALA C 403 -12.03 -6.25 17.61
N LEU C 404 -11.60 -7.51 17.65
CA LEU C 404 -10.18 -7.81 17.58
C LEU C 404 -9.65 -7.28 16.24
N ALA C 405 -10.29 -7.73 15.16
CA ALA C 405 -9.83 -7.48 13.80
C ALA C 405 -9.74 -5.97 13.54
N VAL C 406 -10.78 -5.23 13.92
CA VAL C 406 -10.84 -3.79 13.61
C VAL C 406 -9.84 -3.01 14.45
N ASP C 407 -9.54 -3.55 15.65
CA ASP C 407 -8.71 -2.84 16.62
C ASP C 407 -7.26 -2.89 16.19
N ARG C 408 -6.81 -4.07 15.79
CA ARG C 408 -5.47 -4.24 15.24
C ARG C 408 -5.27 -3.24 14.10
N VAL C 409 -6.27 -3.13 13.21
CA VAL C 409 -6.13 -2.34 12.00
C VAL C 409 -6.00 -0.88 12.37
N VAL C 410 -6.89 -0.40 13.23
CA VAL C 410 -6.83 0.98 13.69
C VAL C 410 -5.51 1.25 14.46
N GLY C 411 -5.12 0.32 15.34
CA GLY C 411 -3.81 0.41 15.98
C GLY C 411 -2.70 0.67 14.96
N ALA C 412 -2.66 -0.15 13.91
CA ALA C 412 -1.60 -0.09 12.91
C ALA C 412 -1.70 1.19 12.08
N MET C 413 -2.92 1.66 11.84
CA MET C 413 -3.09 2.90 11.12
C MET C 413 -2.58 4.05 11.99
N LYS C 414 -2.82 3.99 13.30
CA LYS C 414 -2.37 5.04 14.22
C LYS C 414 -0.87 5.19 14.12
N ALA C 415 -0.15 4.07 14.27
CA ALA C 415 1.30 4.05 14.36
C ALA C 415 1.92 4.59 13.07
N ARG C 416 1.26 4.32 11.93
CA ARG C 416 1.74 4.76 10.63
C ARG C 416 1.30 6.18 10.34
N GLY C 417 0.48 6.76 11.24
CA GLY C 417 0.06 8.15 11.16
C GLY C 417 -1.03 8.34 10.12
N LEU C 418 -1.88 7.32 9.94
CA LEU C 418 -2.91 7.37 8.92
C LEU C 418 -4.26 7.70 9.54
N LEU C 419 -4.30 7.86 10.87
CA LEU C 419 -5.55 7.95 11.60
C LEU C 419 -5.37 8.74 12.90
PA NAD D . -16.69 -22.85 -6.09
O1A NAD D . -16.80 -22.07 -7.37
O2A NAD D . -15.61 -23.88 -5.91
O5B NAD D . -18.08 -23.57 -5.78
C5B NAD D . -19.28 -22.79 -5.69
C4B NAD D . -20.33 -23.73 -5.18
O4B NAD D . -21.48 -22.96 -4.74
C3B NAD D . -20.87 -24.71 -6.23
O3B NAD D . -21.44 -25.87 -5.64
C2B NAD D . -22.00 -23.88 -6.83
O2B NAD D . -22.88 -24.67 -7.62
C1B NAD D . -22.58 -23.32 -5.54
N9A NAD D . -23.43 -22.15 -5.74
C8A NAD D . -23.22 -21.12 -6.63
N7A NAD D . -24.20 -20.24 -6.64
C5A NAD D . -25.10 -20.72 -5.70
C6A NAD D . -26.33 -20.24 -5.23
N6A NAD D . -26.88 -19.11 -5.67
N1A NAD D . -26.98 -20.94 -4.27
C2A NAD D . -26.42 -22.08 -3.83
N3A NAD D . -25.27 -22.64 -4.20
C4A NAD D . -24.64 -21.91 -5.14
O3 NAD D . -16.60 -21.72 -4.97
PN NAD D . -15.92 -21.82 -3.52
O1N NAD D . -14.47 -21.52 -3.71
O2N NAD D . -16.37 -23.12 -2.91
O5D NAD D . -16.65 -20.59 -2.77
C5D NAD D . -17.39 -20.90 -1.56
C4D NAD D . -17.38 -19.69 -0.64
O4D NAD D . -16.11 -19.59 0.05
C3D NAD D . -17.62 -18.36 -1.38
O3D NAD D . -18.51 -17.52 -0.68
C2D NAD D . -16.21 -17.78 -1.50
O2D NAD D . -16.21 -16.36 -1.43
C1D NAD D . -15.47 -18.37 -0.29
N1N NAD D . -14.04 -18.56 -0.69
C2N NAD D . -13.48 -19.79 -1.04
C3N NAD D . -12.13 -19.84 -1.44
C7N NAD D . -11.32 -21.03 -1.80
O7N NAD D . -10.61 -21.01 -2.82
N7N NAD D . -11.26 -22.05 -0.95
C4N NAD D . -11.38 -18.67 -1.52
C5N NAD D . -11.96 -17.47 -1.21
C6N NAD D . -13.28 -17.42 -0.82
C01 69O E . -6.42 -16.57 -0.37
C02 69O E . -7.59 -15.62 -0.51
C03 69O E . -8.80 -16.41 -0.07
C04 69O E . -10.07 -15.54 -0.19
O05 69O E . -10.21 -14.61 -1.01
C06 69O E . -11.17 -15.80 0.83
O07 69O E . -10.99 -16.67 1.76
O08 69O E . -12.23 -15.06 0.77
#